data_6AAA
#
_entry.id   6AAA
#
_cell.length_a   94.279
_cell.length_b   110.530
_cell.length_c   122.070
_cell.angle_alpha   90.00
_cell.angle_beta   90.00
_cell.angle_gamma   90.00
#
_symmetry.space_group_name_H-M   'P 21 21 21'
#
loop_
_entity.id
_entity.type
_entity.pdbx_description
1 polymer 'Blue-shifted Luciferase'
2 non-polymer GLYCEROL
3 water water
#
_entity_poly.entity_id   1
_entity_poly.type   'polypeptide(L)'
_entity_poly.pdbx_seq_one_letter_code
;MASEDKNIIHGPPPFYSLDIGTAGEQLHKFMKKYAQITGTIAFTDAHNGVNVTYAEYFEMACRLAQSMKNYGLTLKHRIA
VCSENSLQFFMPICGALFIGVGVAPTNDIYNERELYNSLGISQPTIVFCSKRALQKILGVQQKLPIIEKIIILDSQEDFM
GKQSMNSFIRQFLPETFNEYDYVPDSFALNTTAFIMNSSGSTGLPKGVDLTHQNIVVRFSHCRDPIFGNQIIPDTSILSV
IPFHHGFGMSTTLGYLVCGFRIVLMYRFEEELFLRSLQNYKCQSALLVPTLFSFFAKSTLVDKYDLSNLHEVASGGAPLA
KEVGEAVAKRFNLVGIRQGYGLTETTSACIITPEGDNKPGACGKVVPFFSAKVTDLDTGKTLGPNQRGELWLKGPMVMKG
YVNNPEATHSLIDKEGWVRTGDIAYYDEDEHFFIVDRLKSLIKYKGYQVPPAELESILLQHPYIFDAGVAGIPDPDAGEL
PAAVVVLEEGKTMTEKEVMDYVAGQVTSSKRLRGGVKFVDEVPKGLTGKIDGRKIREILLKAKKSKL
;
_entity_poly.pdbx_strand_id   A,B
#
loop_
_chem_comp.id
_chem_comp.type
_chem_comp.name
_chem_comp.formula
GOL non-polymer GLYCEROL 'C3 H8 O3'
#
# COMPACT_ATOMS: atom_id res chain seq x y z
N ASP A 5 -14.22 14.40 -19.49
CA ASP A 5 -15.44 13.98 -18.76
C ASP A 5 -15.04 13.19 -17.52
N LYS A 6 -14.24 12.13 -17.70
CA LYS A 6 -13.87 11.28 -16.56
C LYS A 6 -12.87 12.02 -15.68
N ASN A 7 -12.94 11.71 -14.40
CA ASN A 7 -12.15 12.32 -13.34
C ASN A 7 -12.66 13.71 -12.94
N ILE A 8 -13.66 14.22 -13.65
CA ILE A 8 -14.37 15.40 -13.19
C ILE A 8 -15.40 14.92 -12.19
N ILE A 9 -15.34 15.42 -10.95
CA ILE A 9 -16.27 14.93 -9.94
C ILE A 9 -17.40 15.94 -9.72
N HIS A 10 -18.63 15.47 -9.85
CA HIS A 10 -19.79 16.34 -9.75
C HIS A 10 -20.57 16.10 -8.47
N GLY A 11 -21.14 17.18 -7.93
CA GLY A 11 -22.07 17.06 -6.82
C GLY A 11 -23.39 16.54 -7.35
N PRO A 12 -24.21 15.96 -6.47
CA PRO A 12 -25.52 15.44 -6.87
C PRO A 12 -26.53 16.58 -7.00
N PRO A 13 -27.75 16.26 -7.45
CA PRO A 13 -28.82 17.27 -7.47
C PRO A 13 -29.11 17.78 -6.07
N PRO A 14 -29.64 19.00 -5.96
CA PRO A 14 -30.01 19.46 -4.61
C PRO A 14 -31.19 18.65 -4.12
N PHE A 15 -31.36 18.55 -2.80
CA PHE A 15 -32.47 17.82 -2.23
C PHE A 15 -33.79 18.50 -2.59
N TYR A 16 -33.81 19.82 -2.44
CA TYR A 16 -34.94 20.67 -2.81
C TYR A 16 -34.66 21.44 -4.09
N SER A 17 -35.63 21.50 -4.99
CA SER A 17 -35.49 22.34 -6.18
C SER A 17 -35.22 23.80 -5.77
N LEU A 18 -34.50 24.51 -6.63
CA LEU A 18 -34.13 25.91 -6.38
C LEU A 18 -35.31 26.88 -6.27
N ASP A 19 -35.26 27.75 -5.26
CA ASP A 19 -36.25 28.81 -5.12
C ASP A 19 -35.97 29.89 -6.17
N ILE A 20 -36.98 30.71 -6.46
CA ILE A 20 -36.82 31.79 -7.43
C ILE A 20 -36.48 33.08 -6.71
N GLY A 21 -35.97 34.06 -7.46
CA GLY A 21 -35.70 35.36 -6.89
C GLY A 21 -34.30 35.59 -6.38
N THR A 22 -34.05 36.83 -5.96
CA THR A 22 -32.77 37.24 -5.39
C THR A 22 -32.55 36.63 -4.01
N ALA A 23 -31.37 36.82 -3.45
CA ALA A 23 -31.09 36.37 -2.09
C ALA A 23 -31.95 37.15 -1.10
N GLY A 24 -32.23 38.41 -1.43
CA GLY A 24 -33.08 39.23 -0.59
C GLY A 24 -34.51 38.71 -0.58
N GLU A 25 -35.02 38.33 -1.74
CA GLU A 25 -36.37 37.83 -1.85
C GLU A 25 -36.55 36.50 -1.12
N GLN A 26 -35.56 35.61 -1.27
CA GLN A 26 -35.64 34.30 -0.61
C GLN A 26 -35.48 34.43 0.89
N LEU A 27 -34.53 35.27 1.32
CA LEU A 27 -34.33 35.55 2.74
C LEU A 27 -35.58 36.16 3.37
N HIS A 28 -36.17 37.13 2.67
CA HIS A 28 -37.36 37.81 3.16
C HIS A 28 -38.51 36.82 3.36
N LYS A 29 -38.66 35.90 2.42
CA LYS A 29 -39.74 34.92 2.49
C LYS A 29 -39.66 34.08 3.77
N PHE A 30 -38.47 33.54 4.05
CA PHE A 30 -38.26 32.70 5.22
C PHE A 30 -38.39 33.49 6.53
N MET A 31 -37.75 34.66 6.59
CA MET A 31 -37.78 35.48 7.79
C MET A 31 -39.21 35.89 8.15
N LYS A 32 -39.99 36.21 7.12
CA LYS A 32 -41.38 36.65 7.33
C LYS A 32 -42.20 35.51 7.93
N LYS A 33 -41.91 34.28 7.52
CA LYS A 33 -42.57 33.11 8.07
C LYS A 33 -42.24 32.92 9.56
N TYR A 34 -40.95 32.93 9.88
CA TYR A 34 -40.50 32.73 11.25
C TYR A 34 -40.96 33.88 12.15
N ALA A 35 -41.06 35.06 11.57
CA ALA A 35 -41.44 36.26 12.31
C ALA A 35 -42.85 36.16 12.88
N GLN A 36 -43.72 35.42 12.19
CA GLN A 36 -45.12 35.34 12.60
C GLN A 36 -45.35 34.26 13.65
N ILE A 37 -44.30 33.55 14.01
CA ILE A 37 -44.32 32.65 15.16
C ILE A 37 -43.62 33.33 16.33
N THR A 38 -44.40 33.97 17.21
CA THR A 38 -43.84 34.76 18.29
C THR A 38 -42.96 33.91 19.22
N GLY A 39 -41.84 34.46 19.64
CA GLY A 39 -40.95 33.76 20.54
C GLY A 39 -39.83 33.01 19.84
N THR A 40 -39.92 32.92 18.51
CA THR A 40 -38.87 32.27 17.73
C THR A 40 -37.60 33.13 17.78
N ILE A 41 -36.51 32.56 18.28
CA ILE A 41 -35.29 33.32 18.52
C ILE A 41 -34.32 33.22 17.35
N ALA A 42 -33.85 34.38 16.87
CA ALA A 42 -32.88 34.43 15.79
C ALA A 42 -31.45 34.47 16.32
N PHE A 43 -31.16 35.42 17.21
CA PHE A 43 -29.83 35.56 17.78
C PHE A 43 -29.86 35.63 19.31
N THR A 44 -28.83 35.07 19.93
CA THR A 44 -28.66 35.11 21.36
C THR A 44 -27.23 35.55 21.69
N ASP A 45 -27.10 36.59 22.50
CA ASP A 45 -25.79 37.07 22.94
C ASP A 45 -25.37 36.31 24.20
N ALA A 46 -24.36 35.46 24.06
CA ALA A 46 -23.95 34.60 25.16
C ALA A 46 -23.41 35.38 26.36
N HIS A 47 -22.83 36.55 26.10
CA HIS A 47 -22.21 37.32 27.17
C HIS A 47 -23.22 38.04 28.06
N ASN A 48 -24.29 38.59 27.48
CA ASN A 48 -25.28 39.28 28.30
C ASN A 48 -26.62 38.55 28.36
N GLY A 49 -26.77 37.49 27.58
CA GLY A 49 -27.95 36.65 27.64
C GLY A 49 -29.16 37.16 26.87
N VAL A 50 -29.04 38.31 26.21
CA VAL A 50 -30.16 38.90 25.50
C VAL A 50 -30.54 38.13 24.24
N ASN A 51 -31.84 37.91 24.04
CA ASN A 51 -32.36 37.28 22.85
C ASN A 51 -33.06 38.28 21.93
N VAL A 52 -32.91 38.11 20.63
CA VAL A 52 -33.70 38.88 19.68
C VAL A 52 -34.49 37.92 18.78
N THR A 53 -35.79 38.16 18.65
CA THR A 53 -36.67 37.27 17.91
C THR A 53 -36.64 37.53 16.40
N TYR A 54 -37.12 36.56 15.63
CA TYR A 54 -37.25 36.74 14.19
C TYR A 54 -38.23 37.87 13.87
N ALA A 55 -39.27 38.01 14.69
CA ALA A 55 -40.21 39.11 14.52
C ALA A 55 -39.49 40.45 14.58
N GLU A 56 -38.64 40.61 15.61
CA GLU A 56 -37.83 41.82 15.74
C GLU A 56 -36.87 41.99 14.57
N TYR A 57 -36.20 40.91 14.19
CA TYR A 57 -35.20 40.97 13.13
C TYR A 57 -35.84 41.30 11.79
N PHE A 58 -36.94 40.61 11.48
CA PHE A 58 -37.67 40.85 10.26
C PHE A 58 -38.14 42.29 10.13
N GLU A 59 -38.76 42.81 11.18
CA GLU A 59 -39.27 44.17 11.18
C GLU A 59 -38.15 45.20 11.02
N MET A 60 -37.05 45.02 11.74
CA MET A 60 -35.91 45.92 11.62
C MET A 60 -35.34 45.89 10.20
N ALA A 61 -35.24 44.69 9.63
CA ALA A 61 -34.68 44.52 8.29
C ALA A 61 -35.54 45.22 7.24
N CYS A 62 -36.86 45.09 7.36
CA CYS A 62 -37.77 45.74 6.43
C CYS A 62 -37.74 47.26 6.57
N ARG A 63 -37.68 47.73 7.81
CA ARG A 63 -37.63 49.16 8.08
C ARG A 63 -36.34 49.77 7.52
N LEU A 64 -35.24 49.06 7.72
CA LEU A 64 -33.94 49.50 7.24
C LEU A 64 -33.88 49.49 5.73
N ALA A 65 -34.47 48.47 5.11
CA ALA A 65 -34.52 48.37 3.66
C ALA A 65 -35.20 49.58 3.04
N GLN A 66 -36.42 49.87 3.50
CA GLN A 66 -37.19 50.98 2.95
C GLN A 66 -36.56 52.32 3.30
N SER A 67 -35.96 52.40 4.49
CA SER A 67 -35.30 53.62 4.92
C SER A 67 -34.10 53.95 4.03
N MET A 68 -33.30 52.93 3.73
CA MET A 68 -32.15 53.11 2.84
C MET A 68 -32.60 53.48 1.43
N LYS A 69 -33.70 52.88 1.00
CA LYS A 69 -34.26 53.22 -0.33
C LYS A 69 -34.63 54.70 -0.32
N ASN A 70 -35.37 55.14 0.69
CA ASN A 70 -35.82 56.53 0.76
C ASN A 70 -34.65 57.50 0.88
N TYR A 71 -33.59 57.05 1.55
CA TYR A 71 -32.37 57.84 1.69
C TYR A 71 -31.74 58.08 0.32
N GLY A 72 -31.94 57.13 -0.58
CA GLY A 72 -31.50 57.30 -1.96
C GLY A 72 -30.56 56.22 -2.45
N LEU A 73 -30.43 55.15 -1.66
CA LEU A 73 -29.53 54.05 -2.03
C LEU A 73 -30.13 53.16 -3.12
N THR A 74 -29.34 52.82 -4.12
CA THR A 74 -29.78 51.93 -5.19
C THR A 74 -28.73 50.84 -5.48
N LEU A 75 -28.93 50.09 -6.55
CA LEU A 75 -28.01 49.02 -6.94
C LEU A 75 -26.55 49.47 -7.02
N LYS A 76 -26.33 50.74 -7.33
CA LYS A 76 -24.99 51.26 -7.54
C LYS A 76 -24.27 51.61 -6.24
N HIS A 77 -24.99 51.53 -5.12
CA HIS A 77 -24.42 51.89 -3.83
C HIS A 77 -24.01 50.68 -3.01
N ARG A 78 -23.10 50.89 -2.06
CA ARG A 78 -22.74 49.86 -1.09
C ARG A 78 -22.88 50.41 0.33
N ILE A 79 -23.08 49.52 1.28
CA ILE A 79 -22.94 49.86 2.69
C ILE A 79 -21.85 48.99 3.30
N ALA A 80 -21.30 49.44 4.41
CA ALA A 80 -20.32 48.64 5.16
C ALA A 80 -20.84 48.35 6.55
N VAL A 81 -20.44 47.21 7.09
CA VAL A 81 -20.73 46.86 8.48
C VAL A 81 -19.42 46.58 9.21
N CYS A 82 -19.12 47.40 10.22
CA CYS A 82 -17.88 47.24 10.97
C CYS A 82 -18.19 47.08 12.45
N SER A 83 -18.03 45.87 12.95
CA SER A 83 -18.49 45.55 14.30
C SER A 83 -18.03 44.18 14.78
N GLU A 84 -17.82 44.06 16.08
CA GLU A 84 -17.71 42.75 16.71
C GLU A 84 -19.00 41.96 16.46
N ASN A 85 -18.93 40.64 16.56
CA ASN A 85 -20.15 39.83 16.49
C ASN A 85 -21.16 40.34 17.50
N SER A 86 -22.39 40.54 17.05
CA SER A 86 -23.43 41.13 17.89
C SER A 86 -24.81 40.76 17.40
N LEU A 87 -25.82 41.01 18.22
CA LEU A 87 -27.21 40.79 17.83
C LEU A 87 -27.62 41.62 16.61
N GLN A 88 -27.04 42.80 16.48
CA GLN A 88 -27.49 43.76 15.47
C GLN A 88 -26.77 43.64 14.13
N PHE A 89 -25.66 42.91 14.12
CA PHE A 89 -24.77 42.84 12.96
C PHE A 89 -25.49 42.61 11.63
N PHE A 90 -26.39 41.63 11.60
CA PHE A 90 -27.02 41.22 10.34
C PHE A 90 -28.29 42.00 10.00
N MET A 91 -28.72 42.91 10.87
CA MET A 91 -29.92 43.69 10.60
C MET A 91 -29.82 44.54 9.34
N PRO A 92 -28.76 45.37 9.24
CA PRO A 92 -28.60 46.16 8.01
C PRO A 92 -28.22 45.29 6.81
N ILE A 93 -27.65 44.11 7.08
CA ILE A 93 -27.28 43.19 6.01
C ILE A 93 -28.52 42.62 5.33
N CYS A 94 -29.49 42.18 6.13
CA CYS A 94 -30.75 41.69 5.59
C CYS A 94 -31.46 42.78 4.81
N GLY A 95 -31.48 44.00 5.38
CA GLY A 95 -32.12 45.12 4.74
C GLY A 95 -31.51 45.46 3.39
N ALA A 96 -30.19 45.46 3.33
CA ALA A 96 -29.48 45.79 2.09
C ALA A 96 -29.76 44.76 1.00
N LEU A 97 -29.77 43.49 1.38
CA LEU A 97 -30.07 42.41 0.45
C LEU A 97 -31.48 42.54 -0.12
N PHE A 98 -32.41 43.07 0.66
CA PHE A 98 -33.77 43.29 0.19
C PHE A 98 -33.83 44.29 -0.96
N ILE A 99 -32.88 45.22 -1.00
CA ILE A 99 -32.93 46.28 -2.01
C ILE A 99 -31.75 46.25 -2.98
N GLY A 100 -30.94 45.20 -2.93
CA GLY A 100 -29.87 45.04 -3.89
C GLY A 100 -28.67 45.96 -3.66
N VAL A 101 -28.53 46.44 -2.42
CA VAL A 101 -27.35 47.23 -2.07
C VAL A 101 -26.24 46.31 -1.57
N GLY A 102 -25.07 46.42 -2.16
CA GLY A 102 -23.95 45.58 -1.78
C GLY A 102 -23.50 45.79 -0.34
N VAL A 103 -23.15 44.70 0.33
CA VAL A 103 -22.73 44.75 1.73
C VAL A 103 -21.24 44.40 1.89
N ALA A 104 -20.49 45.26 2.57
CA ALA A 104 -19.08 45.00 2.82
C ALA A 104 -18.81 44.82 4.31
N PRO A 105 -18.82 43.56 4.78
CA PRO A 105 -18.43 43.30 6.17
C PRO A 105 -16.96 43.64 6.38
N THR A 106 -16.68 44.48 7.37
CA THR A 106 -15.34 45.04 7.53
C THR A 106 -14.76 44.72 8.91
N ASN A 107 -13.60 44.09 8.91
CA ASN A 107 -12.92 43.65 10.14
C ASN A 107 -12.84 44.75 11.18
N ASP A 108 -13.40 44.50 12.36
CA ASP A 108 -13.45 45.49 13.42
C ASP A 108 -12.10 45.73 14.11
N ILE A 109 -11.12 44.86 13.87
CA ILE A 109 -9.80 45.06 14.47
C ILE A 109 -8.72 45.38 13.42
N TYR A 110 -9.14 45.72 12.20
CA TYR A 110 -8.24 46.30 11.22
C TYR A 110 -7.48 47.49 11.79
N ASN A 111 -6.18 47.58 11.50
CA ASN A 111 -5.44 48.80 11.81
C ASN A 111 -5.81 49.88 10.81
N GLU A 112 -5.25 51.07 10.97
CA GLU A 112 -5.66 52.22 10.17
C GLU A 112 -5.45 51.97 8.68
N ARG A 113 -4.31 51.37 8.34
CA ARG A 113 -3.94 51.07 6.93
C ARG A 113 -4.90 50.00 6.35
N GLU A 114 -5.10 48.92 7.08
CA GLU A 114 -5.99 47.85 6.60
C GLU A 114 -7.43 48.32 6.43
N LEU A 115 -7.88 49.16 7.36
CA LEU A 115 -9.25 49.67 7.32
C LEU A 115 -9.46 50.55 6.10
N TYR A 116 -8.52 51.46 5.87
CA TYR A 116 -8.57 52.35 4.73
C TYR A 116 -8.56 51.56 3.42
N ASN A 117 -7.71 50.53 3.36
CA ASN A 117 -7.63 49.68 2.19
C ASN A 117 -8.93 48.95 1.91
N SER A 118 -9.55 48.40 2.96
CA SER A 118 -10.80 47.66 2.81
C SER A 118 -11.95 48.57 2.34
N LEU A 119 -12.14 49.68 3.03
CA LEU A 119 -13.21 50.61 2.68
C LEU A 119 -12.89 51.34 1.39
N GLY A 120 -11.60 51.47 1.08
CA GLY A 120 -11.18 52.06 -0.17
C GLY A 120 -11.63 51.22 -1.36
N ILE A 121 -11.71 49.91 -1.14
CA ILE A 121 -12.13 48.99 -2.18
C ILE A 121 -13.65 48.91 -2.32
N SER A 122 -14.35 48.82 -1.19
CA SER A 122 -15.80 48.63 -1.22
C SER A 122 -16.57 49.93 -1.46
N GLN A 123 -15.96 51.07 -1.13
CA GLN A 123 -16.55 52.39 -1.35
C GLN A 123 -18.01 52.51 -0.88
N PRO A 124 -18.24 52.33 0.43
CA PRO A 124 -19.60 52.38 0.99
C PRO A 124 -20.13 53.81 1.16
N THR A 125 -21.43 53.99 0.98
CA THR A 125 -22.07 55.29 1.19
C THR A 125 -22.50 55.44 2.65
N ILE A 126 -22.95 54.34 3.23
CA ILE A 126 -23.31 54.30 4.64
C ILE A 126 -22.46 53.26 5.35
N VAL A 127 -21.95 53.61 6.53
CA VAL A 127 -21.28 52.62 7.36
C VAL A 127 -22.07 52.37 8.65
N PHE A 128 -22.50 51.13 8.83
CA PHE A 128 -23.07 50.70 10.10
C PHE A 128 -21.95 50.16 10.98
N CYS A 129 -21.76 50.77 12.15
CA CYS A 129 -20.73 50.29 13.06
C CYS A 129 -21.20 50.25 14.50
N SER A 130 -20.51 49.45 15.32
CA SER A 130 -20.73 49.43 16.75
C SER A 130 -20.08 50.64 17.39
N LYS A 131 -20.40 50.91 18.65
CA LYS A 131 -19.78 52.00 19.39
C LYS A 131 -18.26 51.80 19.41
N ARG A 132 -17.86 50.54 19.45
CA ARG A 132 -16.46 50.15 19.57
C ARG A 132 -15.68 50.39 18.26
N ALA A 133 -16.39 50.56 17.16
CA ALA A 133 -15.74 50.82 15.87
C ALA A 133 -15.89 52.26 15.38
N LEU A 134 -16.66 53.07 16.11
CA LEU A 134 -16.98 54.42 15.65
C LEU A 134 -15.74 55.30 15.44
N GLN A 135 -14.80 55.28 16.37
CA GLN A 135 -13.65 56.17 16.30
C GLN A 135 -12.78 55.84 15.08
N LYS A 136 -12.58 54.56 14.79
CA LYS A 136 -11.76 54.17 13.64
C LYS A 136 -12.49 54.48 12.34
N ILE A 137 -13.82 54.36 12.35
CA ILE A 137 -14.62 54.68 11.17
C ILE A 137 -14.64 56.18 10.92
N LEU A 138 -14.75 56.97 11.99
CA LEU A 138 -14.66 58.43 11.88
C LEU A 138 -13.33 58.84 11.24
N GLY A 139 -12.25 58.15 11.63
CA GLY A 139 -10.95 58.44 11.08
C GLY A 139 -10.85 58.18 9.59
N VAL A 140 -11.35 57.03 9.16
CA VAL A 140 -11.25 56.65 7.75
C VAL A 140 -12.17 57.51 6.88
N GLN A 141 -13.28 57.96 7.46
CA GLN A 141 -14.23 58.81 6.73
C GLN A 141 -13.59 60.10 6.26
N GLN A 142 -12.63 60.60 7.01
CA GLN A 142 -11.91 61.82 6.64
C GLN A 142 -11.11 61.61 5.37
N LYS A 143 -10.77 60.36 5.10
CA LYS A 143 -9.94 60.02 3.95
C LYS A 143 -10.77 59.47 2.80
N LEU A 144 -11.99 59.03 3.11
CA LEU A 144 -12.89 58.45 2.11
C LEU A 144 -14.22 59.19 2.06
N PRO A 145 -14.27 60.28 1.26
CA PRO A 145 -15.44 61.16 1.18
C PRO A 145 -16.72 60.48 0.70
N ILE A 146 -16.60 59.28 0.10
CA ILE A 146 -17.77 58.55 -0.35
C ILE A 146 -18.66 58.19 0.83
N ILE A 147 -18.05 58.04 2.00
CA ILE A 147 -18.79 57.72 3.21
C ILE A 147 -19.55 58.95 3.71
N GLU A 148 -20.85 58.97 3.42
CA GLU A 148 -21.68 60.14 3.72
C GLU A 148 -22.36 60.06 5.08
N LYS A 149 -22.55 58.85 5.59
CA LYS A 149 -23.31 58.69 6.82
C LYS A 149 -22.83 57.52 7.66
N ILE A 150 -22.80 57.73 8.97
CA ILE A 150 -22.44 56.68 9.91
C ILE A 150 -23.60 56.41 10.86
N ILE A 151 -23.97 55.14 10.99
CA ILE A 151 -25.09 54.72 11.82
C ILE A 151 -24.62 53.74 12.89
N ILE A 152 -25.04 53.97 14.14
CA ILE A 152 -24.61 53.13 15.26
C ILE A 152 -25.51 51.90 15.44
N LEU A 153 -24.90 50.72 15.41
CA LEU A 153 -25.64 49.46 15.52
C LEU A 153 -26.19 49.17 16.92
N ASP A 154 -25.36 49.36 17.94
CA ASP A 154 -25.71 48.88 19.28
C ASP A 154 -26.06 50.02 20.24
N SER A 155 -26.82 50.99 19.73
CA SER A 155 -27.37 52.05 20.55
C SER A 155 -28.84 52.26 20.19
N GLN A 156 -29.69 52.48 21.20
CA GLN A 156 -31.10 52.73 20.95
C GLN A 156 -31.32 54.11 20.36
N GLU A 157 -30.74 55.13 21.00
CA GLU A 157 -30.86 56.48 20.50
C GLU A 157 -29.50 56.99 20.00
N ASP A 158 -29.46 58.23 19.55
CA ASP A 158 -28.24 58.82 19.01
C ASP A 158 -27.05 58.67 19.96
N PHE A 159 -25.88 58.43 19.37
CA PHE A 159 -24.66 58.21 20.12
C PHE A 159 -23.53 59.06 19.56
N MET A 160 -23.02 59.97 20.37
CA MET A 160 -21.92 60.86 19.98
C MET A 160 -22.23 61.62 18.70
N GLY A 161 -23.47 62.06 18.55
CA GLY A 161 -23.88 62.84 17.41
C GLY A 161 -24.23 62.03 16.18
N LYS A 162 -24.13 60.70 16.29
CA LYS A 162 -24.49 59.81 15.18
C LYS A 162 -25.83 59.15 15.44
N GLN A 163 -26.60 58.94 14.37
CA GLN A 163 -27.90 58.31 14.51
C GLN A 163 -27.80 56.84 14.86
N SER A 164 -28.76 56.37 15.66
CA SER A 164 -28.98 54.94 15.83
C SER A 164 -29.79 54.44 14.66
N MET A 165 -29.95 53.12 14.55
CA MET A 165 -30.81 52.56 13.53
C MET A 165 -32.23 53.09 13.69
N ASN A 166 -32.69 53.17 14.94
CA ASN A 166 -34.03 53.67 15.22
C ASN A 166 -34.22 55.11 14.78
N SER A 167 -33.23 55.97 15.04
CA SER A 167 -33.33 57.38 14.68
C SER A 167 -33.25 57.57 13.16
N PHE A 168 -32.38 56.79 12.53
CA PHE A 168 -32.27 56.79 11.07
C PHE A 168 -33.61 56.40 10.44
N ILE A 169 -34.20 55.32 10.95
CA ILE A 169 -35.51 54.86 10.49
C ILE A 169 -36.60 55.91 10.69
N ARG A 170 -36.58 56.57 11.86
CA ARG A 170 -37.57 57.58 12.18
C ARG A 170 -37.56 58.74 11.18
N GLN A 171 -36.36 59.11 10.74
CA GLN A 171 -36.22 60.24 9.81
C GLN A 171 -36.67 59.92 8.38
N PHE A 172 -36.40 58.70 7.93
CA PHE A 172 -36.58 58.38 6.51
C PHE A 172 -37.72 57.41 6.21
N LEU A 173 -38.47 57.02 7.23
CA LEU A 173 -39.58 56.09 7.02
C LEU A 173 -40.90 56.75 7.44
N PRO A 174 -41.88 56.78 6.51
CA PRO A 174 -43.20 57.35 6.79
C PRO A 174 -43.93 56.53 7.87
N GLU A 175 -44.89 57.14 8.55
CA GLU A 175 -45.58 56.44 9.64
C GLU A 175 -46.61 55.46 9.10
N THR A 176 -46.80 55.45 7.79
CA THR A 176 -47.73 54.55 7.14
C THR A 176 -47.09 53.19 6.84
N PHE A 177 -45.78 53.09 7.06
CA PHE A 177 -45.04 51.88 6.70
C PHE A 177 -45.46 50.67 7.52
N ASN A 178 -45.83 49.60 6.82
CA ASN A 178 -46.17 48.33 7.46
C ASN A 178 -45.19 47.25 7.03
N GLU A 179 -44.42 46.72 7.98
CA GLU A 179 -43.36 45.77 7.68
C GLU A 179 -43.86 44.50 7.00
N TYR A 180 -45.09 44.11 7.32
CA TYR A 180 -45.65 42.88 6.79
C TYR A 180 -46.31 43.08 5.43
N ASP A 181 -46.27 44.31 4.93
CA ASP A 181 -46.75 44.60 3.59
C ASP A 181 -45.58 44.97 2.67
N TYR A 182 -44.40 45.12 3.27
CA TYR A 182 -43.20 45.45 2.51
C TYR A 182 -42.85 44.34 1.53
N VAL A 183 -42.43 44.74 0.32
CA VAL A 183 -42.03 43.77 -0.70
C VAL A 183 -40.60 44.06 -1.14
N PRO A 184 -39.71 43.08 -0.99
CA PRO A 184 -38.31 43.25 -1.40
C PRO A 184 -38.20 43.51 -2.90
N ASP A 185 -37.16 44.21 -3.32
CA ASP A 185 -36.97 44.52 -4.72
C ASP A 185 -36.61 43.28 -5.53
N SER A 186 -36.94 43.31 -6.82
CA SER A 186 -36.46 42.32 -7.77
C SER A 186 -35.37 42.93 -8.63
N PHE A 187 -34.30 42.19 -8.87
CA PHE A 187 -33.19 42.67 -9.69
C PHE A 187 -32.36 41.51 -10.21
N ALA A 188 -31.45 41.80 -11.14
CA ALA A 188 -30.62 40.78 -11.78
C ALA A 188 -29.81 39.99 -10.76
N LEU A 189 -29.70 38.69 -10.98
CA LEU A 189 -29.02 37.81 -10.03
C LEU A 189 -27.52 38.06 -9.94
N ASN A 190 -26.96 38.72 -10.95
CA ASN A 190 -25.53 39.04 -10.93
C ASN A 190 -25.23 40.31 -10.13
N THR A 191 -26.28 40.92 -9.58
CA THR A 191 -26.13 42.07 -8.70
C THR A 191 -25.25 41.72 -7.49
N THR A 192 -24.33 42.61 -7.13
CA THR A 192 -23.45 42.38 -6.00
C THR A 192 -24.22 42.25 -4.68
N ALA A 193 -24.00 41.14 -3.99
CA ALA A 193 -24.57 40.94 -2.66
C ALA A 193 -23.59 41.33 -1.56
N PHE A 194 -22.35 40.85 -1.68
CA PHE A 194 -21.31 41.11 -0.69
C PHE A 194 -19.98 41.45 -1.32
N ILE A 195 -19.21 42.29 -0.63
CA ILE A 195 -17.79 42.43 -0.91
C ILE A 195 -17.02 41.95 0.31
N MET A 196 -16.44 40.76 0.20
CA MET A 196 -15.71 40.15 1.31
C MET A 196 -14.21 40.38 1.12
N ASN A 197 -13.48 40.57 2.21
CA ASN A 197 -12.03 40.72 2.14
C ASN A 197 -11.32 39.37 2.18
N SER A 198 -10.30 39.22 1.35
CA SER A 198 -9.47 38.02 1.40
C SER A 198 -8.04 38.35 1.00
N SER A 199 -7.10 37.89 1.81
CA SER A 199 -5.68 38.02 1.53
C SER A 199 -5.02 36.71 1.13
N GLY A 200 -4.29 36.71 0.02
CA GLY A 200 -3.50 35.55 -0.32
C GLY A 200 -2.17 35.70 0.40
N SER A 201 -1.09 35.69 -0.37
CA SER A 201 0.24 35.99 0.17
C SER A 201 0.68 37.37 -0.31
N THR A 202 -0.02 37.85 -1.34
CA THR A 202 0.31 39.12 -1.98
C THR A 202 -0.18 40.34 -1.22
N GLY A 203 0.58 40.74 -0.20
CA GLY A 203 0.35 41.98 0.50
C GLY A 203 -1.00 42.15 1.16
N LEU A 204 -1.71 43.19 0.73
CA LEU A 204 -2.99 43.57 1.34
C LEU A 204 -4.17 42.82 0.75
N PRO A 205 -5.26 42.74 1.53
CA PRO A 205 -6.53 42.09 1.19
C PRO A 205 -7.15 42.67 -0.07
N LYS A 206 -7.88 41.82 -0.80
CA LYS A 206 -8.57 42.25 -2.00
C LYS A 206 -10.06 42.21 -1.68
N GLY A 207 -10.88 42.74 -2.58
CA GLY A 207 -12.31 42.66 -2.41
C GLY A 207 -12.92 41.54 -3.23
N VAL A 208 -13.61 40.63 -2.55
CA VAL A 208 -14.27 39.51 -3.23
C VAL A 208 -15.71 39.87 -3.52
N ASP A 209 -16.04 39.96 -4.81
CA ASP A 209 -17.36 40.39 -5.24
C ASP A 209 -18.30 39.20 -5.36
N LEU A 210 -19.16 39.00 -4.36
CA LEU A 210 -20.13 37.90 -4.39
C LEU A 210 -21.49 38.40 -4.86
N THR A 211 -22.11 37.63 -5.75
CA THR A 211 -23.39 38.02 -6.34
C THR A 211 -24.55 37.38 -5.59
N HIS A 212 -25.76 37.86 -5.85
CA HIS A 212 -26.96 37.23 -5.32
C HIS A 212 -27.07 35.80 -5.80
N GLN A 213 -26.61 35.54 -7.03
CA GLN A 213 -26.59 34.18 -7.55
C GLN A 213 -25.72 33.28 -6.68
N ASN A 214 -24.54 33.79 -6.31
CA ASN A 214 -23.67 33.09 -5.37
C ASN A 214 -24.39 32.74 -4.08
N ILE A 215 -25.08 33.71 -3.51
CA ILE A 215 -25.70 33.56 -2.20
C ILE A 215 -26.90 32.63 -2.20
N VAL A 216 -27.74 32.69 -3.24
CA VAL A 216 -28.92 31.82 -3.28
C VAL A 216 -28.53 30.35 -3.45
N VAL A 217 -27.37 30.10 -4.07
CA VAL A 217 -26.88 28.73 -4.15
C VAL A 217 -26.48 28.23 -2.76
N ARG A 218 -25.84 29.10 -1.98
CA ARG A 218 -25.56 28.78 -0.58
C ARG A 218 -26.86 28.48 0.17
N PHE A 219 -27.91 29.23 -0.14
CA PHE A 219 -29.21 29.03 0.49
C PHE A 219 -29.78 27.66 0.17
N SER A 220 -29.37 27.09 -0.96
CA SER A 220 -29.80 25.75 -1.33
C SER A 220 -29.07 24.72 -0.47
N HIS A 221 -27.77 24.92 -0.31
CA HIS A 221 -26.95 24.02 0.48
C HIS A 221 -27.34 24.01 1.96
N CYS A 222 -27.63 25.19 2.50
CA CYS A 222 -27.73 25.35 3.95
C CYS A 222 -28.90 24.57 4.56
N ARG A 223 -29.98 24.39 3.79
CA ARG A 223 -31.14 23.65 4.30
C ARG A 223 -31.22 22.28 3.67
N ASP A 224 -30.19 21.91 2.92
CA ASP A 224 -30.10 20.58 2.32
C ASP A 224 -29.85 19.57 3.44
N PRO A 225 -30.67 18.52 3.53
CA PRO A 225 -30.56 17.55 4.62
C PRO A 225 -29.23 16.79 4.60
N ILE A 226 -28.60 16.71 3.43
CA ILE A 226 -27.35 15.97 3.29
C ILE A 226 -26.14 16.89 3.43
N PHE A 227 -26.18 18.02 2.73
CA PHE A 227 -25.02 18.91 2.67
C PHE A 227 -25.15 20.14 3.57
N GLY A 228 -26.27 20.25 4.27
CA GLY A 228 -26.47 21.36 5.19
C GLY A 228 -27.07 20.87 6.49
N ASN A 229 -28.00 21.65 7.04
CA ASN A 229 -28.73 21.23 8.23
C ASN A 229 -30.21 21.13 7.93
N GLN A 230 -30.78 19.97 8.23
CA GLN A 230 -32.22 19.78 8.08
C GLN A 230 -32.95 20.80 8.96
N ILE A 231 -33.92 21.49 8.38
CA ILE A 231 -34.70 22.45 9.14
C ILE A 231 -35.62 21.75 10.13
N ILE A 232 -35.29 21.90 11.40
CA ILE A 232 -36.07 21.29 12.48
C ILE A 232 -36.33 22.33 13.55
N PRO A 233 -37.57 22.38 14.07
CA PRO A 233 -37.93 23.38 15.07
C PRO A 233 -37.06 23.29 16.32
N ASP A 234 -36.79 24.43 16.93
CA ASP A 234 -36.04 24.51 18.19
C ASP A 234 -34.59 24.04 18.04
N THR A 235 -34.02 24.29 16.87
CA THR A 235 -32.61 23.97 16.63
C THR A 235 -31.76 25.19 17.01
N SER A 236 -30.71 24.98 17.79
CA SER A 236 -29.81 26.08 18.15
C SER A 236 -28.38 25.73 17.81
N ILE A 237 -27.65 26.74 17.39
CA ILE A 237 -26.25 26.63 16.98
C ILE A 237 -25.39 27.66 17.69
N LEU A 238 -24.28 27.22 18.28
CA LEU A 238 -23.32 28.16 18.86
C LEU A 238 -22.18 28.39 17.86
N SER A 239 -22.04 29.64 17.42
CA SER A 239 -21.03 29.98 16.44
C SER A 239 -20.01 30.99 16.97
N VAL A 240 -18.72 30.68 16.80
CA VAL A 240 -17.67 31.62 17.19
C VAL A 240 -16.83 32.05 15.99
N ILE A 241 -17.45 32.01 14.81
CA ILE A 241 -16.82 32.52 13.60
C ILE A 241 -17.08 34.02 13.48
N PRO A 242 -16.02 34.81 13.21
CA PRO A 242 -16.23 36.24 12.95
C PRO A 242 -17.20 36.44 11.78
N PHE A 243 -18.19 37.29 11.98
CA PHE A 243 -19.23 37.48 10.99
C PHE A 243 -18.70 38.13 9.71
N HIS A 244 -17.52 38.75 9.79
CA HIS A 244 -16.94 39.40 8.62
C HIS A 244 -16.06 38.45 7.81
N HIS A 245 -15.90 37.22 8.30
CA HIS A 245 -15.25 36.17 7.52
C HIS A 245 -16.23 35.60 6.51
N GLY A 246 -15.70 35.13 5.37
CA GLY A 246 -16.50 34.52 4.33
C GLY A 246 -17.42 33.43 4.86
N PHE A 247 -16.86 32.51 5.64
CA PHE A 247 -17.64 31.40 6.18
C PHE A 247 -18.52 31.84 7.35
N GLY A 248 -18.14 32.94 8.00
CA GLY A 248 -18.97 33.51 9.04
C GLY A 248 -20.24 34.07 8.42
N MET A 249 -20.07 34.79 7.32
CA MET A 249 -21.21 35.36 6.60
C MET A 249 -22.12 34.28 6.01
N SER A 250 -21.52 33.28 5.36
CA SER A 250 -22.30 32.31 4.59
C SER A 250 -23.00 31.28 5.47
N THR A 251 -22.38 30.91 6.59
CA THR A 251 -23.05 30.02 7.54
C THR A 251 -24.16 30.74 8.30
N THR A 252 -23.88 31.95 8.78
CA THR A 252 -24.83 32.68 9.61
C THR A 252 -26.10 33.07 8.82
N LEU A 253 -25.92 33.56 7.60
CA LEU A 253 -27.05 33.87 6.73
C LEU A 253 -27.90 32.63 6.49
N GLY A 254 -27.22 31.50 6.30
CA GLY A 254 -27.88 30.23 6.09
C GLY A 254 -28.72 29.81 7.29
N TYR A 255 -28.20 30.04 8.49
CA TYR A 255 -28.92 29.69 9.72
C TYR A 255 -30.19 30.51 9.86
N LEU A 256 -30.15 31.76 9.39
CA LEU A 256 -31.35 32.60 9.39
C LEU A 256 -32.39 32.04 8.43
N VAL A 257 -31.94 31.61 7.26
CA VAL A 257 -32.82 30.96 6.29
C VAL A 257 -33.46 29.72 6.91
N CYS A 258 -32.70 29.02 7.74
CA CYS A 258 -33.18 27.80 8.39
C CYS A 258 -34.06 28.07 9.61
N GLY A 259 -34.11 29.32 10.06
CA GLY A 259 -34.91 29.66 11.22
C GLY A 259 -34.31 29.21 12.54
N PHE A 260 -33.00 29.03 12.57
CA PHE A 260 -32.30 28.56 13.76
C PHE A 260 -32.08 29.67 14.79
N ARG A 261 -31.84 29.25 16.03
CA ARG A 261 -31.37 30.16 17.06
C ARG A 261 -29.85 30.20 17.01
N ILE A 262 -29.30 31.37 16.71
CA ILE A 262 -27.86 31.52 16.56
C ILE A 262 -27.27 32.14 17.81
N VAL A 263 -26.56 31.33 18.60
CA VAL A 263 -25.89 31.82 19.80
C VAL A 263 -24.51 32.33 19.44
N LEU A 264 -24.26 33.60 19.76
CA LEU A 264 -22.99 34.22 19.37
C LEU A 264 -22.16 34.64 20.58
N MET A 265 -20.87 34.85 20.32
CA MET A 265 -19.92 35.34 21.32
C MET A 265 -19.06 36.43 20.71
N TYR A 266 -18.95 37.52 21.45
CA TYR A 266 -18.15 38.72 21.14
C TYR A 266 -16.69 38.27 21.07
N ARG A 267 -16.32 37.32 21.92
CA ARG A 267 -14.98 36.75 22.08
C ARG A 267 -15.07 35.34 22.68
N PHE A 268 -14.17 34.46 22.27
CA PHE A 268 -14.16 33.10 22.82
C PHE A 268 -13.68 33.07 24.26
N GLU A 269 -14.43 32.34 25.08
CA GLU A 269 -14.04 32.02 26.46
C GLU A 269 -14.48 30.59 26.73
N GLU A 270 -13.57 29.78 27.28
CA GLU A 270 -13.86 28.34 27.43
C GLU A 270 -15.11 28.06 28.25
N GLU A 271 -15.16 28.60 29.47
CA GLU A 271 -16.29 28.33 30.36
C GLU A 271 -17.62 28.80 29.80
N LEU A 272 -17.67 30.06 29.36
CA LEU A 272 -18.90 30.63 28.80
C LEU A 272 -19.37 29.83 27.58
N PHE A 273 -18.42 29.42 26.74
CA PHE A 273 -18.73 28.63 25.56
C PHE A 273 -19.42 27.32 25.95
N LEU A 274 -18.79 26.59 26.87
CA LEU A 274 -19.29 25.28 27.26
C LEU A 274 -20.60 25.40 28.06
N ARG A 275 -20.68 26.43 28.90
CA ARG A 275 -21.88 26.68 29.67
C ARG A 275 -23.06 27.02 28.76
N SER A 276 -22.79 27.80 27.72
CA SER A 276 -23.83 28.20 26.77
C SER A 276 -24.28 27.00 25.93
N LEU A 277 -23.30 26.23 25.45
CA LEU A 277 -23.57 25.01 24.70
C LEU A 277 -24.50 24.08 25.48
N GLN A 278 -24.25 23.99 26.78
CA GLN A 278 -25.06 23.16 27.67
C GLN A 278 -26.45 23.74 27.92
N ASN A 279 -26.50 25.01 28.31
CA ASN A 279 -27.74 25.62 28.77
C ASN A 279 -28.72 25.95 27.64
N TYR A 280 -28.18 26.25 26.46
CA TYR A 280 -29.02 26.54 25.30
C TYR A 280 -29.32 25.26 24.53
N LYS A 281 -28.76 24.15 24.99
CA LYS A 281 -28.98 22.84 24.39
C LYS A 281 -28.74 22.83 22.89
N CYS A 282 -27.67 23.51 22.48
CA CYS A 282 -27.32 23.62 21.07
C CYS A 282 -27.05 22.25 20.45
N GLN A 283 -27.54 22.06 19.24
CA GLN A 283 -27.34 20.82 18.48
C GLN A 283 -26.00 20.87 17.73
N SER A 284 -25.53 22.05 17.39
CA SER A 284 -24.24 22.19 16.68
C SER A 284 -23.40 23.32 17.28
N ALA A 285 -22.10 23.20 17.08
CA ALA A 285 -21.12 24.24 17.45
C ALA A 285 -20.25 24.44 16.22
N LEU A 286 -20.06 25.68 15.85
CA LEU A 286 -19.26 26.06 14.68
C LEU A 286 -18.00 26.78 15.13
N LEU A 287 -16.84 26.16 14.85
CA LEU A 287 -15.57 26.66 15.35
C LEU A 287 -14.60 27.07 14.25
N VAL A 288 -13.79 28.08 14.53
CA VAL A 288 -12.65 28.40 13.69
C VAL A 288 -11.57 27.34 13.90
N PRO A 289 -10.78 27.05 12.85
CA PRO A 289 -9.75 26.01 12.83
C PRO A 289 -8.87 25.93 14.08
N THR A 290 -8.32 27.05 14.55
CA THR A 290 -7.37 27.02 15.66
C THR A 290 -8.01 26.65 17.00
N LEU A 291 -9.33 26.67 17.05
CA LEU A 291 -10.02 26.28 18.27
C LEU A 291 -10.12 24.77 18.43
N PHE A 292 -9.93 24.04 17.33
CA PHE A 292 -9.92 22.58 17.41
C PHE A 292 -8.70 22.10 18.18
N SER A 293 -7.56 22.74 17.93
CA SER A 293 -6.34 22.46 18.69
C SER A 293 -6.58 22.75 20.17
N PHE A 294 -7.31 23.83 20.44
CA PHE A 294 -7.66 24.22 21.80
C PHE A 294 -8.48 23.15 22.52
N PHE A 295 -9.57 22.71 21.90
CA PHE A 295 -10.49 21.78 22.57
C PHE A 295 -9.92 20.37 22.65
N ALA A 296 -8.94 20.07 21.82
CA ALA A 296 -8.22 18.81 21.94
C ALA A 296 -7.50 18.76 23.28
N LYS A 297 -7.17 19.93 23.81
CA LYS A 297 -6.49 20.05 25.09
C LYS A 297 -7.45 20.21 26.27
N SER A 298 -8.66 20.68 25.98
CA SER A 298 -9.65 20.99 27.02
C SER A 298 -10.02 19.78 27.88
N THR A 299 -9.91 19.93 29.20
CA THR A 299 -10.38 18.90 30.12
C THR A 299 -11.77 19.19 30.68
N LEU A 300 -12.30 20.37 30.37
CA LEU A 300 -13.56 20.83 30.96
C LEU A 300 -14.81 20.30 30.26
N VAL A 301 -14.64 19.85 29.02
CA VAL A 301 -15.78 19.41 28.20
C VAL A 301 -16.64 18.34 28.88
N ASP A 302 -16.01 17.41 29.60
CA ASP A 302 -16.72 16.32 30.27
C ASP A 302 -17.63 16.80 31.42
N LYS A 303 -17.31 17.96 31.97
CA LYS A 303 -18.00 18.43 33.17
C LYS A 303 -19.33 19.12 32.82
N TYR A 304 -19.61 19.22 31.53
CA TYR A 304 -20.85 19.83 31.08
C TYR A 304 -21.78 18.81 30.43
N ASP A 305 -23.09 19.06 30.53
CA ASP A 305 -24.09 18.19 29.91
C ASP A 305 -24.29 18.59 28.46
N LEU A 306 -23.70 17.83 27.55
CA LEU A 306 -23.80 18.12 26.13
C LEU A 306 -24.54 17.01 25.39
N SER A 307 -25.57 16.47 26.04
CA SER A 307 -26.31 15.34 25.49
C SER A 307 -27.15 15.73 24.27
N ASN A 308 -27.36 17.02 24.08
CA ASN A 308 -28.11 17.51 22.94
C ASN A 308 -27.22 17.88 21.77
N LEU A 309 -25.91 17.90 22.00
CA LEU A 309 -24.97 18.26 20.95
C LEU A 309 -24.87 17.13 19.94
N HIS A 310 -25.18 17.45 18.68
CA HIS A 310 -25.18 16.46 17.62
C HIS A 310 -23.93 16.53 16.75
N GLU A 311 -23.42 17.74 16.54
CA GLU A 311 -22.27 17.90 15.66
C GLU A 311 -21.37 19.08 16.04
N VAL A 312 -20.08 18.91 15.77
CA VAL A 312 -19.12 20.00 15.87
C VAL A 312 -18.55 20.23 14.48
N ALA A 313 -18.65 21.45 13.99
CA ALA A 313 -18.28 21.73 12.61
C ALA A 313 -17.16 22.76 12.51
N SER A 314 -16.36 22.64 11.46
CA SER A 314 -15.31 23.60 11.18
C SER A 314 -15.82 24.67 10.23
N GLY A 315 -15.81 25.91 10.69
CA GLY A 315 -16.28 27.02 9.88
C GLY A 315 -15.13 27.70 9.17
N GLY A 316 -14.21 26.89 8.65
CA GLY A 316 -13.05 27.41 7.95
C GLY A 316 -12.32 26.36 7.14
N ALA A 317 -10.99 26.42 7.20
CA ALA A 317 -10.13 25.51 6.45
C ALA A 317 -10.32 24.06 6.87
N PRO A 318 -9.85 23.09 6.06
CA PRO A 318 -10.00 21.68 6.40
C PRO A 318 -9.08 21.39 7.59
N LEU A 319 -9.40 20.38 8.38
CA LEU A 319 -8.62 20.08 9.60
C LEU A 319 -7.77 18.83 9.45
N ALA A 320 -6.76 18.71 10.32
CA ALA A 320 -5.90 17.52 10.35
C ALA A 320 -6.75 16.37 10.86
N LYS A 321 -6.51 15.18 10.35
CA LYS A 321 -7.30 13.99 10.76
C LYS A 321 -7.20 13.74 12.27
N GLU A 322 -6.00 13.79 12.84
CA GLU A 322 -5.80 13.47 14.26
C GLU A 322 -6.43 14.50 15.18
N VAL A 323 -6.28 15.77 14.83
CA VAL A 323 -6.85 16.85 15.62
C VAL A 323 -8.37 16.71 15.64
N GLY A 324 -8.94 16.45 14.47
CA GLY A 324 -10.37 16.25 14.33
C GLY A 324 -10.87 15.09 15.18
N GLU A 325 -10.18 13.96 15.10
CA GLU A 325 -10.57 12.77 15.84
C GLU A 325 -10.49 13.01 17.35
N ALA A 326 -9.48 13.76 17.78
CA ALA A 326 -9.30 14.06 19.19
C ALA A 326 -10.43 14.94 19.71
N VAL A 327 -10.85 15.93 18.91
CA VAL A 327 -11.95 16.81 19.29
C VAL A 327 -13.26 16.04 19.29
N ALA A 328 -13.45 15.19 18.29
CA ALA A 328 -14.62 14.33 18.23
C ALA A 328 -14.76 13.52 19.51
N LYS A 329 -13.66 12.96 19.99
CA LYS A 329 -13.68 12.15 21.21
C LYS A 329 -14.03 12.99 22.43
N ARG A 330 -13.53 14.23 22.46
CA ARG A 330 -13.83 15.15 23.55
C ARG A 330 -15.33 15.40 23.70
N PHE A 331 -16.01 15.60 22.58
CA PHE A 331 -17.42 15.93 22.60
C PHE A 331 -18.30 14.70 22.41
N ASN A 332 -17.68 13.53 22.50
CA ASN A 332 -18.41 12.27 22.38
C ASN A 332 -19.14 12.16 21.05
N LEU A 333 -18.44 12.46 19.97
CA LEU A 333 -19.00 12.39 18.63
C LEU A 333 -18.21 11.39 17.77
N VAL A 334 -18.85 10.88 16.73
CA VAL A 334 -18.20 9.93 15.83
C VAL A 334 -17.17 10.64 14.94
N GLY A 335 -17.47 11.87 14.56
CA GLY A 335 -16.57 12.64 13.72
C GLY A 335 -16.87 14.13 13.68
N ILE A 336 -16.07 14.86 12.94
CA ILE A 336 -16.26 16.30 12.77
C ILE A 336 -16.96 16.58 11.45
N ARG A 337 -17.90 17.52 11.45
CA ARG A 337 -18.52 17.95 10.20
C ARG A 337 -17.62 19.00 9.55
N GLN A 338 -17.11 18.67 8.37
CA GLN A 338 -16.10 19.50 7.73
C GLN A 338 -16.57 20.06 6.40
N GLY A 339 -15.84 21.05 5.91
CA GLY A 339 -16.11 21.64 4.62
C GLY A 339 -14.89 22.37 4.09
N TYR A 340 -14.63 22.22 2.79
CA TYR A 340 -13.56 22.97 2.15
C TYR A 340 -14.10 24.00 1.19
N GLY A 341 -13.63 25.24 1.31
CA GLY A 341 -13.98 26.29 0.37
C GLY A 341 -13.06 27.49 0.53
N LEU A 342 -13.31 28.51 -0.28
CA LEU A 342 -12.56 29.76 -0.18
C LEU A 342 -13.53 30.93 -0.03
N THR A 343 -13.02 32.07 0.43
CA THR A 343 -13.80 33.28 0.43
C THR A 343 -14.29 33.52 -0.99
N GLU A 344 -13.43 33.22 -1.94
CA GLU A 344 -13.70 33.40 -3.36
C GLU A 344 -14.75 32.42 -3.91
N THR A 345 -15.14 31.42 -3.11
CA THR A 345 -16.18 30.48 -3.53
C THR A 345 -17.41 30.60 -2.63
N THR A 346 -17.58 31.76 -2.01
CA THR A 346 -18.72 32.06 -1.16
C THR A 346 -18.73 31.24 0.13
N SER A 347 -18.75 29.92 -0.01
CA SER A 347 -18.84 29.03 1.13
C SER A 347 -18.09 27.73 0.83
N ALA A 348 -18.38 26.68 1.59
CA ALA A 348 -17.74 25.39 1.36
C ALA A 348 -18.27 24.74 0.08
N CYS A 349 -17.35 24.27 -0.77
CA CYS A 349 -17.73 23.61 -2.02
C CYS A 349 -17.61 22.11 -1.90
N ILE A 350 -16.99 21.67 -0.80
CA ILE A 350 -16.89 20.26 -0.46
C ILE A 350 -17.31 20.15 0.99
N ILE A 351 -18.26 19.27 1.28
CA ILE A 351 -18.84 19.20 2.62
C ILE A 351 -19.06 17.76 3.05
N THR A 352 -18.77 17.48 4.31
CA THR A 352 -19.08 16.18 4.90
C THR A 352 -20.58 15.91 4.81
N PRO A 353 -20.97 14.90 4.02
CA PRO A 353 -22.38 14.54 3.91
C PRO A 353 -22.89 14.02 5.25
N GLU A 354 -24.08 14.47 5.67
CA GLU A 354 -24.66 14.03 6.93
C GLU A 354 -24.77 12.51 6.97
N GLY A 355 -24.15 11.90 7.98
CA GLY A 355 -24.19 10.46 8.13
C GLY A 355 -23.18 9.70 7.29
N ASP A 356 -22.34 10.43 6.56
CA ASP A 356 -21.32 9.81 5.73
C ASP A 356 -19.94 10.41 6.03
N ASN A 357 -19.56 10.36 7.30
CA ASN A 357 -18.31 10.97 7.75
C ASN A 357 -17.12 10.03 7.65
N LYS A 358 -16.13 10.41 6.84
CA LYS A 358 -14.85 9.71 6.78
C LYS A 358 -13.78 10.54 7.45
N PRO A 359 -13.06 9.94 8.41
CA PRO A 359 -12.00 10.66 9.13
C PRO A 359 -10.88 11.12 8.20
N GLY A 360 -10.53 12.40 8.29
CA GLY A 360 -9.49 12.96 7.45
C GLY A 360 -10.04 13.57 6.17
N ALA A 361 -11.25 13.15 5.80
CA ALA A 361 -11.90 13.65 4.60
C ALA A 361 -12.64 14.95 4.87
N CYS A 362 -12.58 15.88 3.92
CA CYS A 362 -13.32 17.14 4.04
C CYS A 362 -14.71 17.01 3.43
N GLY A 363 -15.00 15.83 2.88
CA GLY A 363 -16.35 15.52 2.43
C GLY A 363 -16.48 15.27 0.94
N LYS A 364 -17.65 15.60 0.39
CA LYS A 364 -17.93 15.39 -1.02
C LYS A 364 -18.35 16.68 -1.71
N VAL A 365 -18.19 16.72 -3.02
CA VAL A 365 -18.55 17.90 -3.80
C VAL A 365 -20.02 18.24 -3.64
N VAL A 366 -20.32 19.51 -3.37
CA VAL A 366 -21.68 19.94 -3.12
C VAL A 366 -22.47 20.05 -4.42
N PRO A 367 -23.81 20.05 -4.31
CA PRO A 367 -24.68 20.22 -5.48
C PRO A 367 -24.31 21.47 -6.28
N PHE A 368 -24.42 21.35 -7.60
CA PHE A 368 -24.14 22.42 -8.57
C PHE A 368 -22.65 22.60 -8.86
N PHE A 369 -21.80 21.97 -8.05
CA PHE A 369 -20.36 22.14 -8.22
C PHE A 369 -19.63 20.98 -8.88
N SER A 370 -18.44 21.26 -9.38
CA SER A 370 -17.56 20.25 -9.94
C SER A 370 -16.17 20.41 -9.34
N ALA A 371 -15.45 19.31 -9.24
CA ALA A 371 -14.08 19.35 -8.73
C ALA A 371 -13.17 18.44 -9.55
N LYS A 372 -11.90 18.79 -9.65
CA LYS A 372 -10.93 17.93 -10.31
C LYS A 372 -9.56 18.06 -9.67
N VAL A 373 -8.77 16.99 -9.80
CA VAL A 373 -7.40 16.98 -9.32
C VAL A 373 -6.47 16.79 -10.50
N THR A 374 -5.48 17.67 -10.64
CA THR A 374 -4.61 17.64 -11.80
C THR A 374 -3.17 17.30 -11.43
N ASP A 375 -2.50 16.60 -12.34
CA ASP A 375 -1.09 16.24 -12.17
C ASP A 375 -0.23 17.48 -12.00
N LEU A 376 0.61 17.49 -10.96
CA LEU A 376 1.41 18.66 -10.62
C LEU A 376 2.41 19.04 -11.71
N ASP A 377 2.62 18.12 -12.66
CA ASP A 377 3.60 18.33 -13.74
C ASP A 377 2.92 18.57 -15.08
N THR A 378 2.06 17.64 -15.47
CA THR A 378 1.42 17.65 -16.78
C THR A 378 0.13 18.44 -16.83
N GLY A 379 -0.47 18.69 -15.65
CA GLY A 379 -1.76 19.36 -15.62
C GLY A 379 -2.85 18.38 -15.95
N LYS A 380 -2.45 17.11 -16.10
CA LYS A 380 -3.35 16.04 -16.50
C LYS A 380 -4.42 15.80 -15.43
N THR A 381 -5.63 15.50 -15.87
CA THR A 381 -6.72 15.20 -14.94
C THR A 381 -6.49 13.82 -14.32
N LEU A 382 -6.67 13.69 -13.02
CA LEU A 382 -6.30 12.47 -12.29
C LEU A 382 -7.49 11.67 -11.78
N GLY A 383 -7.29 10.36 -11.65
CA GLY A 383 -8.27 9.47 -11.06
C GLY A 383 -8.19 9.42 -9.54
N PRO A 384 -8.87 8.43 -8.94
CA PRO A 384 -8.95 8.27 -7.47
C PRO A 384 -7.60 7.99 -6.81
N ASN A 385 -7.46 8.44 -5.57
CA ASN A 385 -6.27 8.17 -4.76
C ASN A 385 -4.97 8.61 -5.44
N GLN A 386 -5.07 9.66 -6.24
CA GLN A 386 -3.90 10.28 -6.85
C GLN A 386 -3.80 11.73 -6.40
N ARG A 387 -2.70 12.06 -5.73
CA ARG A 387 -2.52 13.40 -5.19
C ARG A 387 -2.21 14.39 -6.30
N GLY A 388 -2.82 15.57 -6.22
CA GLY A 388 -2.57 16.61 -7.20
C GLY A 388 -3.19 17.94 -6.83
N GLU A 389 -3.23 18.85 -7.80
CA GLU A 389 -3.76 20.18 -7.59
C GLU A 389 -5.28 20.18 -7.67
N LEU A 390 -5.94 20.77 -6.67
CA LEU A 390 -7.39 20.78 -6.62
C LEU A 390 -7.98 22.02 -7.30
N TRP A 391 -8.99 21.78 -8.15
CA TRP A 391 -9.72 22.86 -8.82
C TRP A 391 -11.20 22.78 -8.48
N LEU A 392 -11.87 23.92 -8.42
CA LEU A 392 -13.30 23.98 -8.12
C LEU A 392 -14.03 24.84 -9.15
N LYS A 393 -15.26 24.44 -9.46
CA LYS A 393 -16.06 25.12 -10.47
C LYS A 393 -17.55 25.05 -10.13
N GLY A 394 -18.22 26.20 -10.12
CA GLY A 394 -19.64 26.25 -9.82
C GLY A 394 -20.18 27.65 -9.58
N PRO A 395 -21.50 27.75 -9.39
CA PRO A 395 -22.19 29.05 -9.33
C PRO A 395 -22.00 29.82 -8.02
N MET A 396 -21.19 29.30 -7.09
CA MET A 396 -20.83 30.10 -5.91
C MET A 396 -19.50 30.81 -6.11
N VAL A 397 -18.83 30.51 -7.22
CA VAL A 397 -17.58 31.19 -7.55
C VAL A 397 -17.84 32.67 -7.77
N MET A 398 -17.02 33.50 -7.14
CA MET A 398 -17.18 34.96 -7.18
C MET A 398 -17.22 35.52 -8.59
N LYS A 399 -17.85 36.70 -8.72
CA LYS A 399 -17.84 37.44 -9.97
C LYS A 399 -16.41 37.83 -10.32
N GLY A 400 -15.62 38.13 -9.28
CA GLY A 400 -14.24 38.50 -9.45
C GLY A 400 -13.76 39.36 -8.31
N TYR A 401 -12.46 39.65 -8.29
CA TYR A 401 -11.91 40.63 -7.36
C TYR A 401 -12.31 42.04 -7.80
N VAL A 402 -12.74 42.86 -6.85
CA VAL A 402 -13.16 44.23 -7.14
C VAL A 402 -12.02 45.05 -7.76
N ASN A 403 -12.23 45.50 -9.00
CA ASN A 403 -11.26 46.33 -9.70
C ASN A 403 -9.87 45.70 -9.81
N ASN A 404 -9.83 44.38 -9.90
CA ASN A 404 -8.56 43.67 -10.04
C ASN A 404 -8.67 42.48 -10.98
N PRO A 405 -8.83 42.75 -12.28
CA PRO A 405 -8.97 41.74 -13.34
C PRO A 405 -7.78 40.79 -13.38
N GLU A 406 -6.57 41.31 -13.15
CA GLU A 406 -5.36 40.51 -13.21
C GLU A 406 -5.34 39.41 -12.17
N ALA A 407 -5.68 39.76 -10.93
CA ALA A 407 -5.72 38.77 -9.85
C ALA A 407 -6.82 37.75 -10.10
N THR A 408 -7.93 38.22 -10.67
CA THR A 408 -9.06 37.35 -10.97
C THR A 408 -8.71 36.29 -11.99
N HIS A 409 -8.09 36.71 -13.08
CA HIS A 409 -7.74 35.80 -14.18
C HIS A 409 -6.58 34.88 -13.83
N SER A 410 -5.81 35.24 -12.81
CA SER A 410 -4.74 34.37 -12.33
C SER A 410 -5.30 33.22 -11.50
N LEU A 411 -6.46 33.45 -10.88
CA LEU A 411 -7.08 32.47 -9.99
C LEU A 411 -8.13 31.62 -10.70
N ILE A 412 -8.86 32.24 -11.62
CA ILE A 412 -10.00 31.60 -12.28
C ILE A 412 -9.77 31.54 -13.79
N ASP A 413 -9.72 30.34 -14.35
CA ASP A 413 -9.44 30.23 -15.78
C ASP A 413 -10.68 30.55 -16.60
N LYS A 414 -10.55 30.48 -17.93
CA LYS A 414 -11.59 30.95 -18.84
C LYS A 414 -12.85 30.11 -18.79
N GLU A 415 -12.76 28.91 -18.21
CA GLU A 415 -13.93 28.04 -18.08
C GLU A 415 -14.50 28.02 -16.67
N GLY A 416 -14.00 28.90 -15.81
CA GLY A 416 -14.56 29.05 -14.48
C GLY A 416 -13.97 28.14 -13.42
N TRP A 417 -12.86 27.47 -13.73
CA TRP A 417 -12.18 26.65 -12.74
C TRP A 417 -11.34 27.50 -11.80
N VAL A 418 -11.55 27.35 -10.50
CA VAL A 418 -10.74 28.03 -9.50
C VAL A 418 -9.52 27.19 -9.12
N ARG A 419 -8.34 27.78 -9.25
CA ARG A 419 -7.11 27.10 -8.89
C ARG A 419 -6.83 27.29 -7.40
N THR A 420 -7.25 26.33 -6.60
CA THR A 420 -7.27 26.47 -5.14
C THR A 420 -5.86 26.55 -4.56
N GLY A 421 -4.89 25.96 -5.25
CA GLY A 421 -3.52 25.95 -4.77
C GLY A 421 -3.30 24.91 -3.69
N ASP A 422 -4.34 24.16 -3.35
CA ASP A 422 -4.22 23.07 -2.39
C ASP A 422 -3.98 21.74 -3.08
N ILE A 423 -3.32 20.83 -2.38
CA ILE A 423 -3.13 19.47 -2.88
C ILE A 423 -4.18 18.55 -2.29
N ALA A 424 -4.71 17.65 -3.11
CA ALA A 424 -5.77 16.76 -2.65
C ALA A 424 -5.84 15.48 -3.46
N TYR A 425 -6.68 14.56 -2.97
CA TYR A 425 -7.05 13.37 -3.72
C TYR A 425 -8.44 12.93 -3.28
N TYR A 426 -9.12 12.18 -4.14
CA TYR A 426 -10.42 11.62 -3.76
C TYR A 426 -10.35 10.09 -3.85
N ASP A 427 -11.12 9.42 -3.01
CA ASP A 427 -11.12 7.96 -3.01
C ASP A 427 -12.20 7.41 -3.94
N GLU A 428 -12.38 6.10 -3.91
CA GLU A 428 -13.31 5.42 -4.80
C GLU A 428 -14.76 5.80 -4.51
N ASP A 429 -15.00 6.37 -3.32
CA ASP A 429 -16.33 6.83 -2.95
C ASP A 429 -16.49 8.32 -3.21
N GLU A 430 -15.46 8.90 -3.84
CA GLU A 430 -15.43 10.32 -4.16
C GLU A 430 -15.46 11.21 -2.92
N HIS A 431 -14.86 10.72 -1.84
CA HIS A 431 -14.56 11.56 -0.69
C HIS A 431 -13.22 12.25 -0.93
N PHE A 432 -13.16 13.55 -0.67
CA PHE A 432 -11.95 14.31 -0.91
C PHE A 432 -11.10 14.47 0.33
N PHE A 433 -9.78 14.41 0.14
CA PHE A 433 -8.84 14.62 1.22
C PHE A 433 -7.89 15.74 0.83
N ILE A 434 -7.85 16.78 1.67
CA ILE A 434 -6.90 17.86 1.49
C ILE A 434 -5.61 17.52 2.21
N VAL A 435 -4.49 17.54 1.50
CA VAL A 435 -3.24 17.22 2.16
C VAL A 435 -2.45 18.50 2.31
N ASP A 436 -1.93 18.71 3.51
CA ASP A 436 -1.18 19.92 3.80
C ASP A 436 0.25 19.61 3.41
N ARG A 437 0.69 20.21 2.30
CA ARG A 437 2.02 20.06 1.68
C ARG A 437 1.88 19.31 0.37
N LEU A 438 2.57 18.17 0.26
CA LEU A 438 2.50 17.29 -0.91
C LEU A 438 2.95 15.90 -0.49
N LYS A 439 3.93 15.90 0.40
CA LYS A 439 4.38 14.70 1.08
C LYS A 439 4.00 14.99 2.53
N SER A 440 4.98 14.92 3.42
CA SER A 440 4.81 15.35 4.81
C SER A 440 5.96 14.89 5.68
N LEU A 441 6.72 13.90 5.20
CA LEU A 441 7.87 13.44 5.96
C LEU A 441 9.05 13.06 5.07
N ILE A 442 10.23 13.50 5.48
CA ILE A 442 11.47 13.10 4.85
C ILE A 442 12.03 11.96 5.68
N LYS A 443 12.34 10.82 5.08
CA LYS A 443 12.82 9.65 5.83
C LYS A 443 14.32 9.38 5.73
N TYR A 444 14.94 9.33 6.92
CA TYR A 444 16.38 9.05 7.16
C TYR A 444 16.73 7.72 6.48
N LYS A 445 16.67 6.63 7.27
CA LYS A 445 16.75 5.26 6.78
C LYS A 445 15.59 4.50 7.40
N GLY A 446 15.28 4.87 8.64
CA GLY A 446 14.17 4.29 9.36
C GLY A 446 13.03 5.28 9.45
N TYR A 447 13.32 6.47 9.96
CA TYR A 447 12.29 7.51 10.14
C TYR A 447 12.83 8.81 10.72
N GLN A 448 12.21 9.91 10.32
CA GLN A 448 12.47 11.25 10.85
C GLN A 448 11.35 12.18 10.36
N VAL A 449 10.92 13.10 11.23
CA VAL A 449 9.76 13.95 10.93
C VAL A 449 10.11 15.43 11.06
N PRO A 450 10.43 16.07 9.93
CA PRO A 450 10.79 17.49 9.97
C PRO A 450 10.05 18.43 8.97
N PRO A 451 8.71 18.37 8.90
CA PRO A 451 7.94 19.24 8.02
C PRO A 451 7.93 20.72 8.44
N ALA A 452 6.78 21.11 8.98
CA ALA A 452 6.50 22.48 9.41
C ALA A 452 7.30 22.85 10.66
N GLU A 453 7.75 21.84 11.39
CA GLU A 453 8.49 22.06 12.64
C GLU A 453 9.85 22.69 12.38
N LEU A 454 10.58 22.18 11.39
CA LEU A 454 11.87 22.78 11.02
C LEU A 454 11.66 24.20 10.50
N GLU A 455 10.60 24.38 9.72
CA GLU A 455 10.26 25.70 9.20
C GLU A 455 9.98 26.68 10.33
N SER A 456 9.30 26.21 11.37
CA SER A 456 8.98 27.04 12.53
C SER A 456 10.25 27.43 13.30
N ILE A 457 11.18 26.48 13.41
CA ILE A 457 12.47 26.74 14.04
C ILE A 457 13.20 27.83 13.28
N LEU A 458 13.21 27.71 11.95
CA LEU A 458 13.88 28.66 11.08
C LEU A 458 13.27 30.06 11.16
N LEU A 459 11.95 30.12 11.28
CA LEU A 459 11.24 31.39 11.32
C LEU A 459 11.56 32.21 12.56
N GLN A 460 11.83 31.52 13.68
CA GLN A 460 12.17 32.19 14.94
C GLN A 460 13.51 32.92 14.91
N HIS A 461 14.39 32.54 13.99
CA HIS A 461 15.68 33.19 13.91
C HIS A 461 15.50 34.63 13.45
N PRO A 462 16.14 35.57 14.16
CA PRO A 462 16.04 37.01 13.91
C PRO A 462 16.43 37.40 12.48
N TYR A 463 17.42 36.72 11.92
CA TYR A 463 17.92 37.07 10.60
C TYR A 463 17.12 36.39 9.49
N ILE A 464 16.22 35.49 9.85
CA ILE A 464 15.44 34.75 8.87
C ILE A 464 14.00 35.24 8.79
N PHE A 465 13.58 35.66 7.61
CA PHE A 465 12.22 36.17 7.39
C PHE A 465 11.25 35.05 7.04
N ASP A 466 11.63 34.22 6.08
CA ASP A 466 10.78 33.11 5.65
C ASP A 466 11.63 31.88 5.35
N ALA A 467 10.97 30.73 5.25
CA ALA A 467 11.69 29.48 4.98
C ALA A 467 10.74 28.37 4.51
N GLY A 468 11.25 27.53 3.61
CA GLY A 468 10.52 26.37 3.15
C GLY A 468 11.42 25.15 3.18
N VAL A 469 10.90 24.05 3.69
CA VAL A 469 11.69 22.83 3.82
C VAL A 469 11.09 21.70 2.99
N ALA A 470 11.94 21.02 2.23
CA ALA A 470 11.52 19.88 1.44
C ALA A 470 12.56 18.78 1.50
N GLY A 471 12.19 17.59 1.04
CA GLY A 471 13.13 16.48 1.03
C GLY A 471 13.83 16.41 -0.30
N ILE A 472 15.14 16.21 -0.26
CA ILE A 472 15.91 16.10 -1.49
C ILE A 472 16.32 14.65 -1.73
N PRO A 473 15.84 14.08 -2.84
CA PRO A 473 16.21 12.68 -3.10
C PRO A 473 17.17 12.58 -4.27
N ASP A 474 18.12 11.66 -4.16
CA ASP A 474 19.12 11.43 -5.19
C ASP A 474 19.67 10.03 -5.02
N PRO A 475 20.45 9.56 -6.01
CA PRO A 475 21.05 8.23 -5.89
C PRO A 475 22.05 8.18 -4.74
N ASP A 476 22.34 9.33 -4.15
CA ASP A 476 23.22 9.41 -2.98
C ASP A 476 22.54 8.89 -1.70
N ALA A 477 21.61 7.95 -1.86
CA ALA A 477 21.07 7.15 -0.75
C ALA A 477 20.16 7.90 0.23
N GLY A 478 18.90 7.48 0.29
CA GLY A 478 17.95 8.02 1.25
C GLY A 478 17.29 9.33 0.86
N GLU A 479 17.03 10.16 1.87
CA GLU A 479 16.35 11.44 1.65
C GLU A 479 16.86 12.47 2.66
N LEU A 480 17.47 13.52 2.18
CA LEU A 480 18.07 14.55 3.07
C LEU A 480 17.17 15.77 3.21
N PRO A 481 16.87 16.22 4.41
CA PRO A 481 16.12 17.45 4.69
C PRO A 481 16.89 18.68 4.23
N ALA A 482 16.24 19.57 3.48
CA ALA A 482 16.89 20.78 2.99
C ALA A 482 15.91 21.95 3.05
N ALA A 483 16.43 23.16 2.99
CA ALA A 483 15.59 24.34 3.10
C ALA A 483 16.05 25.50 2.21
N VAL A 484 15.08 26.25 1.69
CA VAL A 484 15.36 27.54 1.09
C VAL A 484 15.04 28.62 2.12
N VAL A 485 15.88 29.63 2.21
CA VAL A 485 15.75 30.63 3.27
C VAL A 485 15.73 32.05 2.76
N VAL A 486 14.76 32.82 3.25
CA VAL A 486 14.68 34.25 2.95
C VAL A 486 15.23 35.06 4.12
N LEU A 487 16.39 35.67 3.92
CA LEU A 487 17.01 36.46 4.97
C LEU A 487 16.23 37.75 5.19
N GLU A 488 16.45 38.39 6.33
CA GLU A 488 15.80 39.66 6.61
C GLU A 488 16.46 40.76 5.79
N GLU A 489 15.92 41.98 5.89
CA GLU A 489 16.40 43.11 5.11
C GLU A 489 17.86 43.44 5.42
N GLY A 490 18.75 43.15 4.46
CA GLY A 490 20.16 43.48 4.58
C GLY A 490 20.88 42.78 5.73
N LYS A 491 20.65 41.48 5.87
CA LYS A 491 21.31 40.69 6.90
C LYS A 491 22.11 39.55 6.24
N THR A 492 23.14 39.06 6.93
CA THR A 492 24.02 38.06 6.35
C THR A 492 24.09 36.78 7.18
N MET A 493 23.85 35.64 6.52
CA MET A 493 24.07 34.33 7.13
C MET A 493 24.77 33.36 6.18
N THR A 494 25.50 32.41 6.77
CA THR A 494 26.06 31.30 6.01
C THR A 494 25.14 30.09 6.07
N GLU A 495 25.34 29.14 5.16
CA GLU A 495 24.58 27.89 5.18
C GLU A 495 24.79 27.17 6.52
N LYS A 496 26.03 27.18 7.00
CA LYS A 496 26.38 26.56 8.26
C LYS A 496 25.64 27.17 9.45
N GLU A 497 25.59 28.49 9.49
CA GLU A 497 24.91 29.19 10.59
C GLU A 497 23.44 28.76 10.70
N VAL A 498 22.78 28.66 9.54
CA VAL A 498 21.40 28.21 9.51
C VAL A 498 21.32 26.75 9.95
N MET A 499 22.24 25.93 9.44
CA MET A 499 22.26 24.50 9.78
C MET A 499 22.62 24.26 11.25
N ASP A 500 23.63 24.96 11.74
CA ASP A 500 24.04 24.83 13.13
C ASP A 500 22.95 25.32 14.07
N TYR A 501 22.23 26.35 13.64
CA TYR A 501 21.12 26.89 14.41
C TYR A 501 20.03 25.84 14.63
N VAL A 502 19.71 25.09 13.57
CA VAL A 502 18.70 24.04 13.65
C VAL A 502 19.27 22.83 14.37
N ALA A 503 20.55 22.57 14.16
CA ALA A 503 21.26 21.47 14.80
C ALA A 503 21.11 21.56 16.31
N GLY A 504 21.17 22.79 16.83
CA GLY A 504 21.01 23.02 18.25
C GLY A 504 19.55 23.22 18.62
N GLN A 505 18.65 22.61 17.85
CA GLN A 505 17.23 22.71 18.11
C GLN A 505 16.55 21.35 18.12
N VAL A 506 17.15 20.38 17.43
CA VAL A 506 16.60 19.02 17.42
C VAL A 506 17.71 17.97 17.29
N THR A 507 17.39 16.76 17.70
CA THR A 507 18.31 15.63 17.66
C THR A 507 18.25 14.75 16.40
N SER A 508 19.20 13.84 16.31
CA SER A 508 19.19 12.73 15.33
C SER A 508 19.63 13.02 13.89
N SER A 509 20.48 14.03 13.72
CA SER A 509 20.99 14.41 12.38
C SER A 509 19.82 14.56 11.41
N LYS A 510 18.68 15.04 11.90
CA LYS A 510 17.50 15.32 11.05
C LYS A 510 17.46 16.85 10.85
N ARG A 511 18.64 17.48 10.94
CA ARG A 511 18.75 18.97 10.82
C ARG A 511 19.48 19.34 9.51
N LEU A 512 18.71 19.55 8.44
CA LEU A 512 19.27 19.92 7.12
C LEU A 512 20.51 19.07 6.82
N ARG A 513 20.32 18.00 6.05
CA ARG A 513 21.45 17.09 5.68
C ARG A 513 21.79 17.28 4.19
N GLY A 514 21.00 18.08 3.49
CA GLY A 514 21.22 18.35 2.06
C GLY A 514 22.01 19.64 1.84
N GLY A 515 21.41 20.78 2.18
CA GLY A 515 22.08 22.08 2.02
C GLY A 515 21.07 23.24 1.98
N VAL A 516 21.41 24.35 2.65
CA VAL A 516 20.52 25.55 2.68
C VAL A 516 20.81 26.44 1.48
N LYS A 517 19.75 26.95 0.85
CA LYS A 517 19.85 27.84 -0.31
C LYS A 517 19.07 29.12 -0.05
N PHE A 518 19.77 30.26 -0.13
CA PHE A 518 19.14 31.55 0.15
C PHE A 518 18.43 32.10 -1.08
N VAL A 519 17.21 32.59 -0.88
CA VAL A 519 16.38 33.06 -1.98
C VAL A 519 15.65 34.35 -1.62
N ASP A 520 15.12 35.02 -2.64
CA ASP A 520 14.43 36.29 -2.45
C ASP A 520 13.02 36.09 -1.87
N GLU A 521 12.44 34.94 -2.18
CA GLU A 521 11.11 34.61 -1.68
C GLU A 521 10.88 33.10 -1.69
N VAL A 522 10.15 32.60 -0.71
CA VAL A 522 9.86 31.18 -0.64
C VAL A 522 9.04 30.78 -1.85
N PRO A 523 9.54 29.77 -2.59
CA PRO A 523 9.06 29.26 -3.89
C PRO A 523 7.68 29.75 -4.30
N LYS A 524 6.61 29.12 -3.86
CA LYS A 524 5.31 29.62 -4.26
C LYS A 524 4.27 29.71 -3.15
N GLY A 525 3.55 30.83 -3.16
CA GLY A 525 2.37 31.00 -2.35
C GLY A 525 1.22 30.63 -3.28
N LEU A 526 1.23 31.27 -4.44
CA LEU A 526 0.15 31.20 -5.42
C LEU A 526 -1.19 31.34 -4.70
N THR A 527 -1.23 32.28 -3.76
CA THR A 527 -2.40 32.52 -2.93
C THR A 527 -2.64 31.28 -2.09
N GLY A 528 -1.79 31.13 -1.07
CA GLY A 528 -1.86 30.01 -0.14
C GLY A 528 -0.51 29.74 0.47
N LYS A 529 -0.20 28.48 0.73
CA LYS A 529 1.11 28.10 1.26
C LYS A 529 2.10 27.50 0.25
N ILE A 530 3.11 26.87 0.85
CA ILE A 530 4.40 26.37 0.29
C ILE A 530 4.29 25.34 -0.83
N ASP A 531 4.95 25.65 -1.94
CA ASP A 531 5.04 24.78 -3.13
C ASP A 531 6.21 23.81 -2.95
N GLY A 532 5.95 22.70 -2.27
CA GLY A 532 6.95 21.67 -1.92
C GLY A 532 7.79 21.16 -3.06
N ARG A 533 7.20 20.96 -4.24
CA ARG A 533 7.92 20.43 -5.42
C ARG A 533 8.89 21.49 -5.97
N LYS A 534 8.47 22.76 -5.96
CA LYS A 534 9.33 23.86 -6.47
C LYS A 534 10.61 23.89 -5.62
N ILE A 535 10.44 23.80 -4.30
CA ILE A 535 11.55 23.78 -3.34
C ILE A 535 12.53 22.65 -3.62
N ARG A 536 11.97 21.47 -3.91
CA ARG A 536 12.77 20.26 -4.16
C ARG A 536 13.71 20.47 -5.34
N GLU A 537 13.25 21.06 -6.43
CA GLU A 537 14.04 21.30 -7.63
C GLU A 537 15.18 22.27 -7.36
N ILE A 538 14.86 23.38 -6.71
CA ILE A 538 15.84 24.42 -6.42
C ILE A 538 17.00 23.90 -5.57
N LEU A 539 16.68 23.04 -4.61
CA LEU A 539 17.69 22.45 -3.74
C LEU A 539 18.47 21.34 -4.43
N LEU A 540 17.77 20.58 -5.28
CA LEU A 540 18.38 19.46 -5.99
C LEU A 540 19.43 19.98 -6.97
N LYS A 541 19.04 21.01 -7.71
CA LYS A 541 19.90 21.73 -8.67
C LYS A 541 21.13 22.24 -7.93
N ALA A 542 20.95 22.74 -6.71
CA ALA A 542 22.08 23.28 -5.91
C ALA A 542 23.03 22.15 -5.52
N LYS A 543 22.50 21.00 -5.11
CA LYS A 543 23.43 19.89 -4.77
C LYS A 543 24.13 19.46 -6.07
N LYS A 544 25.45 19.29 -6.03
CA LYS A 544 26.21 18.85 -7.24
C LYS A 544 27.54 18.16 -6.86
N ASP B 5 11.50 -14.31 20.59
CA ASP B 5 12.64 -14.82 19.78
C ASP B 5 12.49 -14.32 18.34
N LYS B 6 12.58 -12.99 18.15
CA LYS B 6 12.46 -12.37 16.80
C LYS B 6 11.20 -12.90 16.11
N ASN B 7 11.35 -13.37 14.87
CA ASN B 7 10.20 -13.92 14.09
C ASN B 7 10.55 -15.33 13.60
N ILE B 8 11.63 -15.91 14.14
CA ILE B 8 12.08 -17.27 13.74
C ILE B 8 10.83 -18.15 13.81
N ILE B 9 10.49 -18.81 12.72
CA ILE B 9 9.31 -19.66 12.63
C ILE B 9 9.68 -21.13 12.75
N HIS B 10 9.04 -21.82 13.69
CA HIS B 10 9.37 -23.21 13.98
C HIS B 10 8.28 -24.18 13.54
N GLY B 11 8.67 -25.37 13.12
CA GLY B 11 7.72 -26.43 12.85
C GLY B 11 7.19 -27.02 14.15
N PRO B 12 6.01 -27.65 14.10
CA PRO B 12 5.44 -28.26 15.30
C PRO B 12 6.09 -29.61 15.62
N PRO B 13 5.74 -30.22 16.75
CA PRO B 13 6.24 -31.57 17.00
C PRO B 13 5.72 -32.54 15.95
N PRO B 14 6.47 -33.59 15.65
CA PRO B 14 6.05 -34.62 14.69
C PRO B 14 4.94 -35.51 15.22
N PHE B 15 4.13 -36.08 14.34
CA PHE B 15 3.13 -37.06 14.76
C PHE B 15 3.85 -38.31 15.23
N TYR B 16 4.85 -38.74 14.46
CA TYR B 16 5.68 -39.86 14.87
C TYR B 16 7.00 -39.35 15.42
N SER B 17 7.33 -39.79 16.64
CA SER B 17 8.64 -39.52 17.22
C SER B 17 9.74 -40.14 16.37
N LEU B 18 10.92 -39.54 16.38
CA LEU B 18 12.04 -40.10 15.63
C LEU B 18 12.36 -41.48 16.19
N ASP B 19 12.46 -42.47 15.32
CA ASP B 19 12.88 -43.80 15.72
C ASP B 19 14.39 -43.85 15.94
N ILE B 20 14.85 -44.88 16.64
CA ILE B 20 16.28 -45.04 16.91
C ILE B 20 16.92 -45.90 15.83
N GLY B 21 18.25 -45.88 15.77
CA GLY B 21 18.99 -46.69 14.82
C GLY B 21 19.29 -45.92 13.56
N THR B 22 20.08 -46.51 12.67
CA THR B 22 20.42 -45.86 11.41
C THR B 22 19.21 -45.86 10.47
N ALA B 23 19.34 -45.15 9.36
CA ALA B 23 18.30 -45.14 8.35
C ALA B 23 18.20 -46.53 7.73
N GLY B 24 19.34 -47.21 7.66
CA GLY B 24 19.38 -48.57 7.15
C GLY B 24 18.62 -49.53 8.04
N GLU B 25 18.80 -49.39 9.35
CA GLU B 25 18.12 -50.25 10.30
C GLU B 25 16.62 -50.03 10.28
N GLN B 26 16.21 -48.77 10.17
CA GLN B 26 14.80 -48.42 10.14
C GLN B 26 14.15 -48.88 8.83
N LEU B 27 14.85 -48.66 7.72
CA LEU B 27 14.36 -49.14 6.42
C LEU B 27 14.22 -50.65 6.39
N HIS B 28 15.22 -51.36 6.93
CA HIS B 28 15.20 -52.82 6.99
C HIS B 28 14.01 -53.33 7.78
N LYS B 29 13.72 -52.68 8.90
CA LYS B 29 12.62 -53.07 9.76
C LYS B 29 11.29 -53.02 9.03
N PHE B 30 11.03 -51.91 8.35
CA PHE B 30 9.77 -51.73 7.65
C PHE B 30 9.65 -52.67 6.45
N MET B 31 10.72 -52.80 5.67
CA MET B 31 10.70 -53.65 4.50
C MET B 31 10.45 -55.10 4.88
N LYS B 32 11.04 -55.52 5.99
CA LYS B 32 10.90 -56.90 6.47
C LYS B 32 9.45 -57.17 6.85
N LYS B 33 8.79 -56.17 7.41
CA LYS B 33 7.37 -56.29 7.77
C LYS B 33 6.51 -56.45 6.52
N TYR B 34 6.68 -55.55 5.55
CA TYR B 34 5.87 -55.58 4.34
C TYR B 34 6.17 -56.83 3.50
N ALA B 35 7.41 -57.30 3.59
CA ALA B 35 7.85 -58.47 2.84
C ALA B 35 7.08 -59.72 3.24
N GLN B 36 6.66 -59.77 4.50
CA GLN B 36 6.01 -60.97 5.03
C GLN B 36 4.51 -60.95 4.74
N ILE B 37 4.04 -59.87 4.14
CA ILE B 37 2.68 -59.85 3.62
C ILE B 37 2.78 -60.05 2.11
N THR B 38 2.63 -61.31 1.69
CA THR B 38 2.85 -61.68 0.30
C THR B 38 1.89 -60.93 -0.63
N GLY B 39 2.41 -60.46 -1.75
CA GLY B 39 1.59 -59.75 -2.71
C GLY B 39 1.65 -58.24 -2.56
N THR B 40 2.25 -57.76 -1.48
CA THR B 40 2.41 -56.33 -1.27
C THR B 40 3.42 -55.78 -2.27
N ILE B 41 2.98 -54.82 -3.09
CA ILE B 41 3.79 -54.33 -4.20
C ILE B 41 4.59 -53.09 -3.82
N ALA B 42 5.88 -53.13 -4.11
CA ALA B 42 6.78 -52.00 -3.85
C ALA B 42 6.88 -51.09 -5.06
N PHE B 43 7.24 -51.66 -6.20
CA PHE B 43 7.36 -50.89 -7.44
C PHE B 43 6.58 -51.51 -8.59
N THR B 44 6.03 -50.65 -9.43
CA THR B 44 5.32 -51.08 -10.63
C THR B 44 5.83 -50.29 -11.83
N ASP B 45 6.24 -51.01 -12.86
CA ASP B 45 6.71 -50.37 -14.10
C ASP B 45 5.51 -50.14 -15.00
N ALA B 46 5.15 -48.89 -15.21
CA ALA B 46 3.95 -48.54 -15.98
C ALA B 46 4.10 -48.95 -17.44
N HIS B 47 5.33 -48.98 -17.94
CA HIS B 47 5.56 -49.27 -19.35
C HIS B 47 5.36 -50.73 -19.71
N ASN B 48 5.81 -51.65 -18.86
CA ASN B 48 5.62 -53.08 -19.15
C ASN B 48 4.66 -53.77 -18.19
N GLY B 49 4.22 -53.06 -17.16
CA GLY B 49 3.22 -53.58 -16.24
C GLY B 49 3.74 -54.51 -15.15
N VAL B 50 5.05 -54.74 -15.14
CA VAL B 50 5.64 -55.67 -14.18
C VAL B 50 5.61 -55.12 -12.74
N ASN B 51 5.22 -55.96 -11.80
CA ASN B 51 5.23 -55.61 -10.39
C ASN B 51 6.35 -56.32 -9.65
N VAL B 52 6.98 -55.62 -8.71
CA VAL B 52 7.92 -56.26 -7.80
C VAL B 52 7.45 -56.07 -6.36
N THR B 53 7.38 -57.18 -5.63
CA THR B 53 6.87 -57.16 -4.27
C THR B 53 7.92 -56.72 -3.26
N TYR B 54 7.46 -56.35 -2.06
CA TYR B 54 8.36 -56.05 -0.96
C TYR B 54 9.19 -57.27 -0.58
N ALA B 55 8.60 -58.45 -0.69
CA ALA B 55 9.31 -59.70 -0.42
C ALA B 55 10.53 -59.83 -1.34
N GLU B 56 10.33 -59.58 -2.63
CA GLU B 56 11.42 -59.60 -3.60
C GLU B 56 12.46 -58.53 -3.29
N TYR B 57 12.00 -57.32 -2.98
CA TYR B 57 12.90 -56.21 -2.73
C TYR B 57 13.71 -56.43 -1.46
N PHE B 58 13.03 -56.88 -0.41
CA PHE B 58 13.69 -57.17 0.85
C PHE B 58 14.80 -58.21 0.71
N GLU B 59 14.50 -59.33 0.04
CA GLU B 59 15.49 -60.38 -0.11
C GLU B 59 16.70 -59.91 -0.93
N MET B 60 16.44 -59.21 -2.03
CA MET B 60 17.53 -58.70 -2.86
C MET B 60 18.40 -57.71 -2.09
N ALA B 61 17.75 -56.84 -1.31
CA ALA B 61 18.47 -55.84 -0.54
C ALA B 61 19.38 -56.49 0.52
N CYS B 62 18.87 -57.50 1.20
CA CYS B 62 19.65 -58.19 2.22
C CYS B 62 20.80 -58.97 1.60
N ARG B 63 20.55 -59.64 0.48
CA ARG B 63 21.60 -60.38 -0.20
C ARG B 63 22.68 -59.47 -0.76
N LEU B 64 22.28 -58.34 -1.33
CA LEU B 64 23.24 -57.38 -1.86
C LEU B 64 24.07 -56.76 -0.74
N ALA B 65 23.42 -56.49 0.39
CA ALA B 65 24.10 -55.94 1.56
C ALA B 65 25.24 -56.85 2.03
N GLN B 66 24.93 -58.11 2.25
CA GLN B 66 25.93 -59.06 2.75
C GLN B 66 26.99 -59.34 1.68
N SER B 67 26.58 -59.36 0.41
CA SER B 67 27.51 -59.61 -0.69
C SER B 67 28.53 -58.48 -0.81
N MET B 68 28.07 -57.24 -0.74
CA MET B 68 28.98 -56.10 -0.80
C MET B 68 29.91 -56.11 0.41
N LYS B 69 29.36 -56.46 1.57
CA LYS B 69 30.14 -56.62 2.78
C LYS B 69 31.25 -57.66 2.58
N ASN B 70 30.89 -58.83 2.07
CA ASN B 70 31.84 -59.90 1.83
C ASN B 70 32.86 -59.53 0.75
N TYR B 71 32.39 -58.74 -0.22
CA TYR B 71 33.25 -58.23 -1.28
C TYR B 71 34.33 -57.32 -0.72
N GLY B 72 34.02 -56.65 0.37
CA GLY B 72 35.01 -55.85 1.09
C GLY B 72 34.66 -54.39 1.30
N LEU B 73 33.43 -54.00 0.99
CA LEU B 73 33.02 -52.62 1.19
C LEU B 73 32.77 -52.32 2.66
N THR B 74 33.25 -51.16 3.11
CA THR B 74 33.06 -50.72 4.48
C THR B 74 32.54 -49.29 4.49
N LEU B 75 32.51 -48.68 5.67
CA LEU B 75 32.01 -47.32 5.84
C LEU B 75 32.70 -46.31 4.92
N LYS B 76 33.95 -46.56 4.55
CA LYS B 76 34.72 -45.59 3.76
C LYS B 76 34.45 -45.71 2.26
N HIS B 77 33.68 -46.70 1.84
CA HIS B 77 33.45 -46.91 0.42
C HIS B 77 32.11 -46.34 -0.02
N ARG B 78 31.99 -46.07 -1.31
CA ARG B 78 30.73 -45.64 -1.90
C ARG B 78 30.37 -46.54 -3.07
N ILE B 79 29.08 -46.60 -3.41
CA ILE B 79 28.66 -47.18 -4.67
C ILE B 79 27.93 -46.11 -5.47
N ALA B 80 27.85 -46.30 -6.78
CA ALA B 80 27.06 -45.42 -7.61
C ALA B 80 25.93 -46.18 -8.28
N VAL B 81 24.82 -45.49 -8.52
CA VAL B 81 23.72 -46.07 -9.30
C VAL B 81 23.44 -45.15 -10.47
N CYS B 82 23.65 -45.67 -11.68
CA CYS B 82 23.45 -44.87 -12.89
C CYS B 82 22.44 -45.57 -13.80
N SER B 83 21.24 -45.01 -13.86
CA SER B 83 20.14 -45.67 -14.55
C SER B 83 18.92 -44.78 -14.69
N GLU B 84 18.16 -44.99 -15.75
CA GLU B 84 16.81 -44.46 -15.85
C GLU B 84 16.00 -45.02 -14.68
N ASN B 85 14.90 -44.35 -14.32
CA ASN B 85 13.98 -44.91 -13.33
C ASN B 85 13.57 -46.33 -13.68
N SER B 86 13.67 -47.24 -12.70
CA SER B 86 13.41 -48.65 -12.96
C SER B 86 13.01 -49.38 -11.69
N LEU B 87 12.50 -50.59 -11.86
CA LEU B 87 12.15 -51.45 -10.74
C LEU B 87 13.37 -51.77 -9.86
N GLN B 88 14.53 -51.85 -10.48
CA GLN B 88 15.73 -52.33 -9.79
C GLN B 88 16.55 -51.22 -9.14
N PHE B 89 16.27 -49.98 -9.51
CA PHE B 89 17.07 -48.82 -9.11
C PHE B 89 17.44 -48.82 -7.62
N PHE B 90 16.44 -49.02 -6.77
CA PHE B 90 16.63 -48.88 -5.32
C PHE B 90 17.10 -50.14 -4.61
N MET B 91 17.25 -51.24 -5.34
CA MET B 91 17.70 -52.49 -4.72
C MET B 91 19.10 -52.36 -4.08
N PRO B 92 20.09 -51.91 -4.85
CA PRO B 92 21.42 -51.71 -4.25
C PRO B 92 21.45 -50.53 -3.27
N ILE B 93 20.51 -49.61 -3.41
CA ILE B 93 20.43 -48.47 -2.51
C ILE B 93 20.03 -48.93 -1.12
N CYS B 94 19.01 -49.78 -1.04
CA CYS B 94 18.59 -50.34 0.24
C CYS B 94 19.72 -51.15 0.87
N GLY B 95 20.40 -51.95 0.04
CA GLY B 95 21.50 -52.78 0.52
C GLY B 95 22.65 -51.97 1.09
N ALA B 96 23.00 -50.90 0.40
CA ALA B 96 24.11 -50.04 0.82
C ALA B 96 23.80 -49.38 2.16
N LEU B 97 22.57 -48.91 2.32
CA LEU B 97 22.14 -48.28 3.56
C LEU B 97 22.20 -49.24 4.74
N PHE B 98 21.96 -50.53 4.48
CA PHE B 98 22.04 -51.55 5.52
C PHE B 98 23.46 -51.66 6.09
N ILE B 99 24.46 -51.33 5.29
CA ILE B 99 25.85 -51.51 5.72
C ILE B 99 26.66 -50.22 5.79
N GLY B 100 25.99 -49.07 5.66
CA GLY B 100 26.66 -47.79 5.82
C GLY B 100 27.56 -47.39 4.68
N VAL B 101 27.33 -47.97 3.49
CA VAL B 101 28.06 -47.57 2.29
C VAL B 101 27.32 -46.44 1.58
N GLY B 102 28.02 -45.35 1.31
CA GLY B 102 27.42 -44.20 0.66
C GLY B 102 26.93 -44.47 -0.76
N VAL B 103 25.78 -43.90 -1.10
CA VAL B 103 25.18 -44.10 -2.42
C VAL B 103 25.20 -42.82 -3.26
N ALA B 104 25.71 -42.92 -4.47
CA ALA B 104 25.73 -41.78 -5.39
C ALA B 104 24.83 -42.03 -6.60
N PRO B 105 23.57 -41.57 -6.52
CA PRO B 105 22.66 -41.66 -7.67
C PRO B 105 23.16 -40.77 -8.80
N THR B 106 23.35 -41.34 -9.98
CA THR B 106 24.02 -40.64 -11.06
C THR B 106 23.17 -40.55 -12.33
N ASN B 107 22.97 -39.32 -12.81
CA ASN B 107 22.15 -39.06 -13.98
C ASN B 107 22.54 -39.92 -15.19
N ASP B 108 21.57 -40.70 -15.68
CA ASP B 108 21.81 -41.61 -16.79
C ASP B 108 21.97 -40.92 -18.14
N ILE B 109 21.63 -39.63 -18.23
CA ILE B 109 21.79 -38.92 -19.50
C ILE B 109 22.90 -37.86 -19.42
N TYR B 110 23.67 -37.90 -18.34
CA TYR B 110 24.94 -37.20 -18.29
C TYR B 110 25.76 -37.59 -19.52
N ASN B 111 26.43 -36.64 -20.16
CA ASN B 111 27.40 -37.05 -21.17
C ASN B 111 28.61 -37.59 -20.43
N GLU B 112 29.58 -38.15 -21.14
CA GLU B 112 30.67 -38.86 -20.48
C GLU B 112 31.48 -37.90 -19.59
N ARG B 113 31.68 -36.67 -20.06
CA ARG B 113 32.46 -35.71 -19.30
C ARG B 113 31.76 -35.37 -17.98
N GLU B 114 30.46 -35.10 -18.05
CA GLU B 114 29.67 -34.81 -16.87
C GLU B 114 29.66 -36.01 -15.92
N LEU B 115 29.61 -37.19 -16.52
CA LEU B 115 29.59 -38.44 -15.76
C LEU B 115 30.90 -38.61 -15.00
N TYR B 116 32.01 -38.39 -15.70
CA TYR B 116 33.33 -38.50 -15.10
C TYR B 116 33.53 -37.51 -13.96
N ASN B 117 33.11 -36.27 -14.17
CA ASN B 117 33.20 -35.24 -13.14
C ASN B 117 32.37 -35.60 -11.91
N SER B 118 31.15 -36.10 -12.13
CA SER B 118 30.26 -36.50 -11.05
C SER B 118 30.84 -37.64 -10.24
N LEU B 119 31.26 -38.71 -10.93
CA LEU B 119 31.80 -39.89 -10.29
C LEU B 119 33.17 -39.59 -9.68
N GLY B 120 33.86 -38.59 -10.23
CA GLY B 120 35.12 -38.12 -9.69
C GLY B 120 34.99 -37.61 -8.27
N ILE B 121 33.81 -37.08 -7.95
CA ILE B 121 33.57 -36.55 -6.60
C ILE B 121 33.17 -37.65 -5.62
N SER B 122 32.29 -38.54 -6.03
CA SER B 122 31.77 -39.57 -5.14
C SER B 122 32.73 -40.75 -5.00
N GLN B 123 33.61 -40.94 -5.99
CA GLN B 123 34.62 -42.00 -5.97
C GLN B 123 34.08 -43.37 -5.58
N PRO B 124 33.15 -43.92 -6.39
CA PRO B 124 32.53 -45.21 -6.08
C PRO B 124 33.43 -46.42 -6.40
N THR B 125 33.33 -47.46 -5.59
CA THR B 125 34.09 -48.69 -5.83
C THR B 125 33.30 -49.62 -6.75
N ILE B 126 31.99 -49.65 -6.55
CA ILE B 126 31.10 -50.41 -7.41
C ILE B 126 30.10 -49.48 -8.07
N VAL B 127 29.88 -49.68 -9.37
CA VAL B 127 28.82 -48.96 -10.06
C VAL B 127 27.74 -49.93 -10.52
N PHE B 128 26.51 -49.71 -10.03
CA PHE B 128 25.34 -50.39 -10.54
C PHE B 128 24.75 -49.56 -11.66
N CYS B 129 24.65 -50.13 -12.86
CA CYS B 129 24.07 -49.36 -13.96
C CYS B 129 23.13 -50.20 -14.82
N SER B 130 22.26 -49.53 -15.55
CA SER B 130 21.40 -50.20 -16.52
C SER B 130 22.19 -50.53 -17.78
N LYS B 131 21.62 -51.38 -18.62
CA LYS B 131 22.22 -51.71 -19.91
C LYS B 131 22.43 -50.44 -20.73
N ARG B 132 21.48 -49.51 -20.58
CA ARG B 132 21.45 -48.28 -21.36
C ARG B 132 22.53 -47.29 -20.92
N ALA B 133 23.09 -47.51 -19.74
CA ALA B 133 24.16 -46.64 -19.23
C ALA B 133 25.51 -47.33 -19.26
N LEU B 134 25.54 -48.60 -19.62
CA LEU B 134 26.75 -49.41 -19.53
C LEU B 134 27.94 -48.87 -20.31
N GLN B 135 27.70 -48.44 -21.55
CA GLN B 135 28.78 -47.99 -22.41
C GLN B 135 29.48 -46.74 -21.87
N LYS B 136 28.72 -45.81 -21.31
CA LYS B 136 29.32 -44.61 -20.74
C LYS B 136 30.06 -44.92 -19.44
N ILE B 137 29.54 -45.87 -18.68
CA ILE B 137 30.18 -46.28 -17.43
C ILE B 137 31.49 -47.00 -17.71
N LEU B 138 31.48 -47.83 -18.76
CA LEU B 138 32.71 -48.48 -19.22
C LEU B 138 33.76 -47.44 -19.57
N GLY B 139 33.34 -46.36 -20.20
CA GLY B 139 34.22 -45.28 -20.59
C GLY B 139 34.85 -44.59 -19.39
N VAL B 140 34.01 -44.27 -18.40
CA VAL B 140 34.47 -43.53 -17.22
C VAL B 140 35.36 -44.40 -16.34
N GLN B 141 35.11 -45.71 -16.33
CA GLN B 141 35.92 -46.63 -15.54
C GLN B 141 37.38 -46.61 -15.97
N GLN B 142 37.61 -46.41 -17.27
CA GLN B 142 38.97 -46.35 -17.79
C GLN B 142 39.72 -45.12 -17.28
N LYS B 143 38.97 -44.08 -16.92
CA LYS B 143 39.58 -42.84 -16.44
C LYS B 143 39.52 -42.73 -14.92
N LEU B 144 38.65 -43.53 -14.30
CA LEU B 144 38.52 -43.54 -12.84
C LEU B 144 38.75 -44.95 -12.32
N PRO B 145 40.03 -45.29 -12.09
CA PRO B 145 40.46 -46.63 -11.65
C PRO B 145 39.85 -47.06 -10.32
N ILE B 146 39.30 -46.12 -9.56
CA ILE B 146 38.67 -46.45 -8.29
C ILE B 146 37.47 -47.37 -8.51
N ILE B 147 36.85 -47.27 -9.67
CA ILE B 147 35.74 -48.15 -10.02
C ILE B 147 36.26 -49.54 -10.36
N GLU B 148 36.14 -50.47 -9.41
CA GLU B 148 36.69 -51.80 -9.57
C GLU B 148 35.70 -52.79 -10.17
N LYS B 149 34.40 -52.50 -10.04
CA LYS B 149 33.39 -53.45 -10.48
C LYS B 149 32.14 -52.75 -11.01
N ILE B 150 31.62 -53.28 -12.11
CA ILE B 150 30.39 -52.79 -12.70
C ILE B 150 29.35 -53.91 -12.68
N ILE B 151 28.16 -53.60 -12.16
CA ILE B 151 27.09 -54.57 -12.05
C ILE B 151 25.85 -54.10 -12.80
N ILE B 152 25.29 -54.97 -13.63
CA ILE B 152 24.14 -54.61 -14.46
C ILE B 152 22.83 -54.81 -13.70
N LEU B 153 22.05 -53.74 -13.59
CA LEU B 153 20.79 -53.76 -12.84
C LEU B 153 19.67 -54.55 -13.51
N ASP B 154 19.50 -54.37 -14.82
CA ASP B 154 18.33 -54.90 -15.50
C ASP B 154 18.67 -56.08 -16.40
N SER B 155 19.52 -56.96 -15.89
CA SER B 155 19.80 -58.24 -16.53
C SER B 155 19.74 -59.34 -15.49
N GLN B 156 19.15 -60.48 -15.84
CA GLN B 156 19.06 -61.59 -14.90
C GLN B 156 20.42 -62.25 -14.73
N GLU B 157 21.07 -62.54 -15.86
CA GLU B 157 22.40 -63.13 -15.86
C GLU B 157 23.45 -62.15 -16.37
N ASP B 158 24.69 -62.62 -16.46
CA ASP B 158 25.80 -61.80 -16.93
C ASP B 158 25.48 -61.16 -18.27
N PHE B 159 25.91 -59.91 -18.43
CA PHE B 159 25.64 -59.15 -19.64
C PHE B 159 26.89 -58.44 -20.13
N MET B 160 27.32 -58.78 -21.34
CA MET B 160 28.51 -58.18 -21.94
C MET B 160 29.73 -58.30 -21.05
N GLY B 161 29.87 -59.45 -20.39
CA GLY B 161 31.01 -59.71 -19.53
C GLY B 161 30.90 -59.12 -18.13
N LYS B 162 29.79 -58.44 -17.86
CA LYS B 162 29.57 -57.87 -16.53
C LYS B 162 28.56 -58.70 -15.75
N GLN B 163 28.76 -58.80 -14.44
CA GLN B 163 27.86 -59.57 -13.60
C GLN B 163 26.52 -58.88 -13.41
N SER B 164 25.46 -59.69 -13.32
CA SER B 164 24.17 -59.22 -12.88
C SER B 164 24.18 -59.19 -11.35
N MET B 165 23.14 -58.63 -10.75
CA MET B 165 23.02 -58.66 -9.30
C MET B 165 23.03 -60.10 -8.80
N ASN B 166 22.31 -60.99 -9.50
CA ASN B 166 22.24 -62.40 -9.13
C ASN B 166 23.58 -63.12 -9.19
N SER B 167 24.35 -62.89 -10.25
CA SER B 167 25.63 -63.57 -10.41
C SER B 167 26.65 -63.02 -9.40
N PHE B 168 26.60 -61.72 -9.16
CA PHE B 168 27.42 -61.10 -8.13
C PHE B 168 27.14 -61.71 -6.75
N ILE B 169 25.85 -61.79 -6.41
CA ILE B 169 25.43 -62.41 -5.16
C ILE B 169 25.87 -63.87 -5.07
N ARG B 170 25.73 -64.58 -6.18
CA ARG B 170 26.09 -65.99 -6.24
C ARG B 170 27.57 -66.19 -5.91
N GLN B 171 28.41 -65.27 -6.37
CA GLN B 171 29.85 -65.35 -6.15
C GLN B 171 30.28 -65.02 -4.72
N PHE B 172 29.63 -64.02 -4.11
CA PHE B 172 30.14 -63.48 -2.85
C PHE B 172 29.26 -63.80 -1.64
N LEU B 173 28.21 -64.57 -1.84
CA LEU B 173 27.32 -64.93 -0.75
C LEU B 173 27.29 -66.44 -0.56
N PRO B 174 27.60 -66.91 0.67
CA PRO B 174 27.54 -68.33 0.98
C PRO B 174 26.12 -68.87 0.88
N GLU B 175 25.98 -70.18 0.68
CA GLU B 175 24.67 -70.78 0.49
C GLU B 175 23.95 -70.92 1.82
N THR B 176 24.64 -70.57 2.90
CA THR B 176 24.07 -70.64 4.24
C THR B 176 23.30 -69.39 4.60
N PHE B 177 23.38 -68.37 3.74
CA PHE B 177 22.76 -67.08 4.02
C PHE B 177 21.25 -67.16 4.04
N ASN B 178 20.65 -66.72 5.14
CA ASN B 178 19.19 -66.64 5.27
C ASN B 178 18.79 -65.18 5.43
N GLU B 179 18.06 -64.67 4.45
CA GLU B 179 17.75 -63.24 4.38
C GLU B 179 16.94 -62.72 5.57
N TYR B 180 16.13 -63.59 6.17
CA TYR B 180 15.30 -63.17 7.29
C TYR B 180 16.03 -63.26 8.63
N ASP B 181 17.30 -63.68 8.60
CA ASP B 181 18.14 -63.66 9.79
C ASP B 181 19.24 -62.61 9.65
N TYR B 182 19.33 -61.99 8.48
CA TYR B 182 20.30 -60.93 8.26
C TYR B 182 20.04 -59.74 9.20
N VAL B 183 21.11 -59.18 9.74
CA VAL B 183 21.01 -58.03 10.62
C VAL B 183 21.85 -56.88 10.05
N PRO B 184 21.19 -55.76 9.72
CA PRO B 184 21.90 -54.59 9.18
C PRO B 184 22.90 -54.04 10.19
N ASP B 185 23.96 -53.41 9.69
CA ASP B 185 25.00 -52.88 10.56
C ASP B 185 24.53 -51.66 11.35
N SER B 186 25.13 -51.45 12.51
CA SER B 186 24.96 -50.22 13.26
C SER B 186 26.22 -49.36 13.14
N PHE B 187 26.04 -48.06 12.99
CA PHE B 187 27.16 -47.13 12.85
C PHE B 187 26.72 -45.73 13.19
N ALA B 188 27.68 -44.82 13.34
CA ALA B 188 27.39 -43.44 13.73
C ALA B 188 26.42 -42.79 12.75
N LEU B 189 25.48 -42.02 13.29
CA LEU B 189 24.42 -41.44 12.48
C LEU B 189 24.95 -40.39 11.52
N ASN B 190 26.17 -39.91 11.76
CA ASN B 190 26.78 -38.91 10.89
C ASN B 190 27.41 -39.57 9.66
N THR B 191 27.33 -40.90 9.60
CA THR B 191 27.77 -41.65 8.43
C THR B 191 27.05 -41.23 7.16
N THR B 192 27.80 -41.09 6.07
CA THR B 192 27.23 -40.70 4.78
C THR B 192 26.22 -41.71 4.26
N ALA B 193 25.01 -41.24 3.97
CA ALA B 193 23.98 -42.07 3.36
C ALA B 193 23.99 -41.90 1.84
N PHE B 194 24.02 -40.66 1.38
CA PHE B 194 23.99 -40.34 -0.04
C PHE B 194 24.99 -39.26 -0.41
N ILE B 195 25.52 -39.33 -1.63
CA ILE B 195 26.18 -38.19 -2.23
C ILE B 195 25.34 -37.78 -3.44
N MET B 196 24.62 -36.68 -3.30
CA MET B 196 23.73 -36.20 -4.37
C MET B 196 24.43 -35.13 -5.18
N ASN B 197 24.12 -35.07 -6.48
CA ASN B 197 24.68 -34.03 -7.32
C ASN B 197 23.85 -32.77 -7.20
N SER B 198 24.52 -31.63 -7.05
CA SER B 198 23.82 -30.36 -6.96
C SER B 198 24.65 -29.18 -7.43
N SER B 199 24.01 -28.28 -8.16
CA SER B 199 24.64 -27.02 -8.51
C SER B 199 24.07 -25.99 -7.53
N GLY B 200 24.96 -25.24 -6.90
CA GLY B 200 24.57 -24.22 -5.95
C GLY B 200 24.20 -22.91 -6.62
N SER B 201 24.98 -21.88 -6.37
CA SER B 201 24.76 -20.59 -7.03
C SER B 201 25.72 -20.46 -8.20
N THR B 202 26.80 -21.24 -8.17
CA THR B 202 27.74 -21.28 -9.27
C THR B 202 27.21 -22.28 -10.31
N GLY B 203 27.92 -22.41 -11.43
CA GLY B 203 27.59 -23.44 -12.39
C GLY B 203 28.36 -24.72 -12.12
N LEU B 204 29.06 -24.72 -10.99
CA LEU B 204 29.93 -25.82 -10.62
C LEU B 204 29.14 -26.88 -9.84
N PRO B 205 28.78 -28.00 -10.49
CA PRO B 205 28.10 -29.06 -9.74
C PRO B 205 28.97 -29.57 -8.60
N LYS B 206 28.34 -29.83 -7.46
CA LYS B 206 29.04 -30.38 -6.30
C LYS B 206 28.44 -31.70 -5.83
N GLY B 207 29.11 -32.34 -4.88
CA GLY B 207 28.58 -33.54 -4.25
C GLY B 207 27.96 -33.18 -2.91
N VAL B 208 26.69 -33.47 -2.75
CA VAL B 208 25.98 -33.16 -1.50
C VAL B 208 26.01 -34.36 -0.56
N ASP B 209 26.66 -34.18 0.58
CA ASP B 209 26.88 -35.27 1.54
C ASP B 209 25.72 -35.36 2.54
N LEU B 210 24.82 -36.31 2.30
CA LEU B 210 23.68 -36.50 3.19
C LEU B 210 23.95 -37.65 4.17
N THR B 211 23.60 -37.43 5.43
CA THR B 211 23.85 -38.42 6.48
C THR B 211 22.65 -39.31 6.77
N HIS B 212 22.88 -40.39 7.50
CA HIS B 212 21.79 -41.23 7.98
C HIS B 212 20.84 -40.44 8.86
N GLN B 213 21.37 -39.50 9.63
CA GLN B 213 20.54 -38.62 10.45
C GLN B 213 19.57 -37.82 9.58
N ASN B 214 20.07 -37.27 8.49
CA ASN B 214 19.23 -36.55 7.53
C ASN B 214 18.04 -37.40 7.09
N ILE B 215 18.33 -38.65 6.74
CA ILE B 215 17.33 -39.57 6.21
C ILE B 215 16.31 -40.01 7.26
N VAL B 216 16.78 -40.26 8.48
CA VAL B 216 15.88 -40.71 9.53
C VAL B 216 14.89 -39.61 9.89
N VAL B 217 15.30 -38.36 9.70
CA VAL B 217 14.40 -37.22 9.90
C VAL B 217 13.33 -37.22 8.81
N ARG B 218 13.74 -37.46 7.57
CA ARG B 218 12.80 -37.59 6.45
C ARG B 218 11.78 -38.70 6.71
N PHE B 219 12.23 -39.79 7.32
CA PHE B 219 11.36 -40.92 7.62
C PHE B 219 10.25 -40.54 8.60
N SER B 220 10.49 -39.51 9.39
CA SER B 220 9.46 -38.97 10.26
C SER B 220 8.45 -38.15 9.48
N HIS B 221 8.95 -37.30 8.58
CA HIS B 221 8.08 -36.44 7.78
C HIS B 221 7.17 -37.20 6.83
N CYS B 222 7.71 -38.23 6.19
CA CYS B 222 7.04 -38.87 5.05
C CYS B 222 5.73 -39.55 5.44
N ARG B 223 5.63 -40.00 6.68
CA ARG B 223 4.41 -40.67 7.15
C ARG B 223 3.60 -39.78 8.10
N ASP B 224 3.99 -38.52 8.21
CA ASP B 224 3.27 -37.56 9.04
C ASP B 224 1.92 -37.21 8.40
N PRO B 225 0.83 -37.30 9.19
CA PRO B 225 -0.52 -37.07 8.66
C PRO B 225 -0.72 -35.65 8.15
N ILE B 226 0.08 -34.71 8.66
CA ILE B 226 -0.03 -33.31 8.26
C ILE B 226 0.99 -32.95 7.17
N PHE B 227 2.23 -33.35 7.38
CA PHE B 227 3.33 -32.95 6.51
C PHE B 227 3.75 -34.05 5.53
N GLY B 228 3.09 -35.21 5.61
CA GLY B 228 3.40 -36.30 4.71
C GLY B 228 2.16 -37.00 4.19
N ASN B 229 2.22 -38.32 4.09
CA ASN B 229 1.07 -39.13 3.70
C ASN B 229 0.70 -40.13 4.79
N GLN B 230 -0.57 -40.13 5.19
CA GLN B 230 -1.06 -41.12 6.13
C GLN B 230 -0.87 -42.53 5.60
N ILE B 231 -0.29 -43.40 6.41
CA ILE B 231 -0.10 -44.79 6.01
C ILE B 231 -1.44 -45.53 5.98
N ILE B 232 -1.89 -45.86 4.78
CA ILE B 232 -3.13 -46.59 4.60
C ILE B 232 -2.89 -47.72 3.61
N PRO B 233 -3.46 -48.90 3.87
CA PRO B 233 -3.23 -50.06 3.01
C PRO B 233 -3.67 -49.78 1.58
N ASP B 234 -2.96 -50.38 0.63
CA ASP B 234 -3.28 -50.27 -0.79
C ASP B 234 -3.17 -48.84 -1.31
N THR B 235 -2.27 -48.07 -0.72
CA THR B 235 -1.95 -46.74 -1.24
C THR B 235 -0.94 -46.86 -2.36
N SER B 236 -1.24 -46.20 -3.49
CA SER B 236 -0.33 -46.20 -4.62
C SER B 236 -0.01 -44.78 -5.06
N ILE B 237 1.22 -44.57 -5.48
CA ILE B 237 1.68 -43.26 -5.91
C ILE B 237 2.28 -43.36 -7.31
N LEU B 238 1.86 -42.46 -8.20
CA LEU B 238 2.49 -42.36 -9.50
C LEU B 238 3.56 -41.29 -9.45
N SER B 239 4.81 -41.68 -9.62
CA SER B 239 5.91 -40.72 -9.53
C SER B 239 6.69 -40.64 -10.84
N VAL B 240 6.87 -39.43 -11.35
CA VAL B 240 7.67 -39.22 -12.55
C VAL B 240 8.86 -38.31 -12.22
N ILE B 241 9.30 -38.35 -10.97
CA ILE B 241 10.51 -37.66 -10.57
C ILE B 241 11.72 -38.54 -10.81
N PRO B 242 12.76 -37.98 -11.44
CA PRO B 242 14.02 -38.72 -11.60
C PRO B 242 14.56 -39.19 -10.25
N PHE B 243 14.90 -40.46 -10.14
CA PHE B 243 15.35 -41.02 -8.86
C PHE B 243 16.70 -40.46 -8.42
N HIS B 244 17.42 -39.85 -9.35
CA HIS B 244 18.74 -39.30 -9.03
C HIS B 244 18.62 -37.86 -8.54
N HIS B 245 17.40 -37.31 -8.59
CA HIS B 245 17.12 -36.01 -7.99
C HIS B 245 16.98 -36.13 -6.48
N GLY B 246 17.35 -35.08 -5.77
CA GLY B 246 17.21 -35.04 -4.32
C GLY B 246 15.82 -35.41 -3.84
N PHE B 247 14.80 -34.78 -4.44
CA PHE B 247 13.42 -35.02 -4.04
C PHE B 247 12.91 -36.36 -4.58
N GLY B 248 13.53 -36.84 -5.64
CA GLY B 248 13.21 -38.17 -6.15
C GLY B 248 13.65 -39.22 -5.17
N MET B 249 14.86 -39.08 -4.66
CA MET B 249 15.42 -40.01 -3.69
C MET B 249 14.63 -40.00 -2.38
N SER B 250 14.34 -38.81 -1.87
CA SER B 250 13.78 -38.66 -0.53
C SER B 250 12.28 -39.00 -0.47
N THR B 251 11.55 -38.73 -1.55
CA THR B 251 10.14 -39.14 -1.61
C THR B 251 10.03 -40.65 -1.76
N THR B 252 10.84 -41.20 -2.66
CA THR B 252 10.77 -42.62 -2.98
C THR B 252 11.16 -43.49 -1.78
N LEU B 253 12.24 -43.13 -1.10
CA LEU B 253 12.65 -43.84 0.11
C LEU B 253 11.54 -43.80 1.15
N GLY B 254 10.91 -42.64 1.28
CA GLY B 254 9.81 -42.44 2.19
C GLY B 254 8.63 -43.33 1.86
N TYR B 255 8.33 -43.47 0.57
CA TYR B 255 7.22 -44.32 0.15
C TYR B 255 7.46 -45.78 0.50
N LEU B 256 8.72 -46.22 0.44
CA LEU B 256 9.07 -47.59 0.84
C LEU B 256 8.84 -47.80 2.32
N VAL B 257 9.24 -46.81 3.13
CA VAL B 257 8.99 -46.84 4.55
C VAL B 257 7.49 -46.94 4.85
N CYS B 258 6.69 -46.28 4.03
CA CYS B 258 5.24 -46.25 4.21
C CYS B 258 4.56 -47.53 3.70
N GLY B 259 5.31 -48.35 2.98
CA GLY B 259 4.75 -49.58 2.42
C GLY B 259 3.85 -49.35 1.22
N PHE B 260 4.06 -48.21 0.55
CA PHE B 260 3.23 -47.84 -0.61
C PHE B 260 3.63 -48.58 -1.88
N ARG B 261 2.71 -48.63 -2.83
CA ARG B 261 3.01 -49.08 -4.18
C ARG B 261 3.45 -47.90 -5.04
N ILE B 262 4.69 -47.95 -5.52
CA ILE B 262 5.25 -46.86 -6.30
C ILE B 262 5.24 -47.17 -7.80
N VAL B 263 4.34 -46.51 -8.53
CA VAL B 263 4.25 -46.68 -9.98
C VAL B 263 5.20 -45.72 -10.68
N LEU B 264 6.10 -46.26 -11.51
CA LEU B 264 7.11 -45.43 -12.15
C LEU B 264 7.03 -45.42 -13.68
N MET B 265 7.66 -44.40 -14.27
CA MET B 265 7.79 -44.26 -15.72
C MET B 265 9.22 -43.85 -16.04
N TYR B 266 9.89 -44.57 -16.93
CA TYR B 266 11.25 -44.20 -17.30
C TYR B 266 11.22 -42.96 -18.19
N ARG B 267 10.08 -42.76 -18.85
CA ARG B 267 9.86 -41.59 -19.69
C ARG B 267 8.40 -41.14 -19.62
N PHE B 268 8.17 -39.83 -19.63
CA PHE B 268 6.81 -39.31 -19.57
C PHE B 268 6.06 -39.49 -20.88
N GLU B 269 4.84 -39.99 -20.78
CA GLU B 269 3.89 -40.03 -21.89
C GLU B 269 2.51 -39.72 -21.34
N GLU B 270 1.80 -38.80 -21.98
CA GLU B 270 0.53 -38.31 -21.44
C GLU B 270 -0.50 -39.43 -21.26
N GLU B 271 -0.77 -40.18 -22.31
CA GLU B 271 -1.80 -41.22 -22.26
C GLU B 271 -1.46 -42.29 -21.24
N LEU B 272 -0.24 -42.81 -21.31
CA LEU B 272 0.22 -43.85 -20.39
C LEU B 272 0.13 -43.36 -18.95
N PHE B 273 0.51 -42.10 -18.73
CA PHE B 273 0.45 -41.50 -17.41
C PHE B 273 -0.99 -41.48 -16.88
N LEU B 274 -1.91 -40.95 -17.68
CA LEU B 274 -3.30 -40.81 -17.26
C LEU B 274 -3.99 -42.16 -17.14
N ARG B 275 -3.68 -43.07 -18.06
CA ARG B 275 -4.24 -44.41 -18.02
C ARG B 275 -3.79 -45.17 -16.78
N SER B 276 -2.52 -45.00 -16.42
CA SER B 276 -1.96 -45.67 -15.26
C SER B 276 -2.56 -45.08 -13.98
N LEU B 277 -2.65 -43.77 -13.93
CA LEU B 277 -3.28 -43.07 -12.81
C LEU B 277 -4.70 -43.61 -12.60
N GLN B 278 -5.41 -43.82 -13.70
CA GLN B 278 -6.78 -44.33 -13.65
C GLN B 278 -6.85 -45.81 -13.27
N ASN B 279 -6.07 -46.64 -13.94
CA ASN B 279 -6.18 -48.09 -13.77
C ASN B 279 -5.57 -48.60 -12.48
N TYR B 280 -4.53 -47.92 -12.00
CA TYR B 280 -3.88 -48.31 -10.75
C TYR B 280 -4.54 -47.63 -9.55
N LYS B 281 -5.53 -46.79 -9.82
CA LYS B 281 -6.28 -46.08 -8.79
C LYS B 281 -5.38 -45.32 -7.81
N CYS B 282 -4.34 -44.68 -8.33
CA CYS B 282 -3.39 -43.94 -7.50
C CYS B 282 -4.06 -42.81 -6.73
N GLN B 283 -3.71 -42.68 -5.46
CA GLN B 283 -4.24 -41.61 -4.62
C GLN B 283 -3.46 -40.33 -4.82
N SER B 284 -2.22 -40.47 -5.28
CA SER B 284 -1.33 -39.33 -5.46
C SER B 284 -0.51 -39.45 -6.73
N ALA B 285 -0.20 -38.30 -7.31
CA ALA B 285 0.76 -38.23 -8.41
C ALA B 285 1.85 -37.24 -8.05
N LEU B 286 3.10 -37.60 -8.33
CA LEU B 286 4.23 -36.75 -8.02
C LEU B 286 4.90 -36.29 -9.30
N LEU B 287 4.87 -34.99 -9.56
CA LEU B 287 5.33 -34.44 -10.82
C LEU B 287 6.49 -33.47 -10.65
N VAL B 288 7.38 -33.43 -11.65
CA VAL B 288 8.35 -32.35 -11.75
C VAL B 288 7.64 -31.08 -12.21
N PRO B 289 8.14 -29.91 -11.78
CA PRO B 289 7.57 -28.59 -12.04
C PRO B 289 7.11 -28.35 -13.49
N THR B 290 7.96 -28.67 -14.46
CA THR B 290 7.65 -28.34 -15.86
C THR B 290 6.49 -29.17 -16.41
N LEU B 291 6.10 -30.24 -15.69
CA LEU B 291 4.96 -31.03 -16.12
C LEU B 291 3.66 -30.38 -15.67
N PHE B 292 3.76 -29.47 -14.70
CA PHE B 292 2.60 -28.71 -14.26
C PHE B 292 2.17 -27.77 -15.37
N SER B 293 3.13 -27.15 -16.03
CA SER B 293 2.87 -26.33 -17.21
C SER B 293 2.21 -27.17 -18.29
N PHE B 294 2.69 -28.40 -18.44
CA PHE B 294 2.14 -29.34 -19.40
C PHE B 294 0.66 -29.62 -19.13
N PHE B 295 0.36 -30.01 -17.90
CA PHE B 295 -1.00 -30.43 -17.56
C PHE B 295 -1.99 -29.27 -17.45
N ALA B 296 -1.46 -28.06 -17.27
CA ALA B 296 -2.30 -26.88 -17.35
C ALA B 296 -2.91 -26.78 -18.75
N LYS B 297 -2.21 -27.35 -19.72
CA LYS B 297 -2.67 -27.36 -21.12
C LYS B 297 -3.48 -28.61 -21.46
N SER B 298 -3.29 -29.68 -20.68
CA SER B 298 -3.92 -30.97 -20.98
C SER B 298 -5.44 -30.92 -21.01
N THR B 299 -6.02 -31.36 -22.11
CA THR B 299 -7.47 -31.53 -22.21
C THR B 299 -7.89 -32.97 -21.99
N LEU B 300 -6.91 -33.87 -21.88
CA LEU B 300 -7.21 -35.31 -21.82
C LEU B 300 -7.57 -35.77 -20.41
N VAL B 301 -7.18 -34.98 -19.41
CA VAL B 301 -7.42 -35.34 -18.01
C VAL B 301 -8.91 -35.62 -17.77
N ASP B 302 -9.76 -34.86 -18.46
CA ASP B 302 -11.20 -34.98 -18.31
C ASP B 302 -11.75 -36.33 -18.77
N LYS B 303 -11.04 -36.96 -19.70
CA LYS B 303 -11.54 -38.19 -20.32
C LYS B 303 -11.23 -39.44 -19.50
N TYR B 304 -10.53 -39.26 -18.39
CA TYR B 304 -10.16 -40.39 -17.53
C TYR B 304 -10.87 -40.37 -16.18
N ASP B 305 -11.10 -41.55 -15.63
CA ASP B 305 -11.74 -41.70 -14.32
C ASP B 305 -10.67 -41.59 -13.23
N LEU B 306 -10.59 -40.43 -12.60
CA LEU B 306 -9.61 -40.19 -11.55
C LEU B 306 -10.27 -39.94 -10.20
N SER B 307 -11.35 -40.65 -9.92
CA SER B 307 -12.14 -40.44 -8.72
C SER B 307 -11.39 -40.89 -7.46
N ASN B 308 -10.32 -41.67 -7.65
CA ASN B 308 -9.53 -42.14 -6.52
C ASN B 308 -8.35 -41.22 -6.22
N LEU B 309 -8.10 -40.27 -7.12
CA LEU B 309 -7.00 -39.34 -6.96
C LEU B 309 -7.31 -38.30 -5.88
N HIS B 310 -6.46 -38.26 -4.85
CA HIS B 310 -6.69 -37.35 -3.73
C HIS B 310 -5.80 -36.11 -3.83
N GLU B 311 -4.59 -36.27 -4.33
CA GLU B 311 -3.66 -35.15 -4.40
C GLU B 311 -2.69 -35.23 -5.57
N VAL B 312 -2.30 -34.06 -6.07
CA VAL B 312 -1.22 -33.94 -7.04
C VAL B 312 -0.12 -33.10 -6.40
N ALA B 313 1.09 -33.65 -6.35
CA ALA B 313 2.17 -33.00 -5.62
C ALA B 313 3.34 -32.66 -6.52
N SER B 314 4.05 -31.59 -6.17
CA SER B 314 5.25 -31.19 -6.89
C SER B 314 6.47 -31.79 -6.21
N GLY B 315 7.23 -32.59 -6.96
CA GLY B 315 8.41 -33.23 -6.42
C GLY B 315 9.65 -32.41 -6.73
N GLY B 316 9.52 -31.10 -6.60
CA GLY B 316 10.62 -30.19 -6.84
C GLY B 316 10.32 -28.82 -6.29
N ALA B 317 10.69 -27.78 -7.01
CA ALA B 317 10.46 -26.42 -6.56
C ALA B 317 8.97 -26.11 -6.46
N PRO B 318 8.62 -25.10 -5.65
CA PRO B 318 7.23 -24.65 -5.58
C PRO B 318 6.80 -24.03 -6.90
N LEU B 319 5.52 -24.13 -7.22
CA LEU B 319 5.03 -23.69 -8.52
C LEU B 319 4.38 -22.32 -8.42
N ALA B 320 4.33 -21.62 -9.54
CA ALA B 320 3.61 -20.35 -9.63
C ALA B 320 2.14 -20.55 -9.29
N LYS B 321 1.55 -19.56 -8.63
CA LYS B 321 0.16 -19.62 -8.20
C LYS B 321 -0.80 -19.90 -9.34
N GLU B 322 -0.54 -19.32 -10.50
CA GLU B 322 -1.46 -19.43 -11.63
C GLU B 322 -1.48 -20.86 -12.17
N VAL B 323 -0.28 -21.43 -12.33
CA VAL B 323 -0.13 -22.78 -12.84
C VAL B 323 -0.74 -23.81 -11.89
N GLY B 324 -0.46 -23.66 -10.60
CA GLY B 324 -0.98 -24.57 -9.59
C GLY B 324 -2.49 -24.66 -9.61
N GLU B 325 -3.15 -23.50 -9.62
CA GLU B 325 -4.61 -23.45 -9.62
C GLU B 325 -5.19 -24.08 -10.89
N ALA B 326 -4.54 -23.86 -12.01
CA ALA B 326 -4.99 -24.41 -13.30
C ALA B 326 -4.87 -25.93 -13.32
N VAL B 327 -3.79 -26.45 -12.76
CA VAL B 327 -3.58 -27.89 -12.70
C VAL B 327 -4.56 -28.53 -11.73
N ALA B 328 -4.75 -27.87 -10.59
CA ALA B 328 -5.73 -28.33 -9.60
C ALA B 328 -7.11 -28.50 -10.22
N LYS B 329 -7.53 -27.51 -11.00
CA LYS B 329 -8.85 -27.54 -11.63
C LYS B 329 -8.94 -28.65 -12.67
N ARG B 330 -7.84 -28.90 -13.38
CA ARG B 330 -7.78 -29.97 -14.37
C ARG B 330 -8.07 -31.32 -13.73
N PHE B 331 -7.48 -31.54 -12.57
CA PHE B 331 -7.58 -32.83 -11.88
C PHE B 331 -8.69 -32.84 -10.83
N ASN B 332 -9.53 -31.81 -10.85
CA ASN B 332 -10.66 -31.71 -9.94
C ASN B 332 -10.24 -31.74 -8.47
N LEU B 333 -9.22 -30.96 -8.13
CA LEU B 333 -8.73 -30.85 -6.76
C LEU B 333 -8.83 -29.42 -6.27
N VAL B 334 -8.86 -29.24 -4.95
CA VAL B 334 -8.93 -27.90 -4.37
C VAL B 334 -7.60 -27.17 -4.51
N GLY B 335 -6.51 -27.91 -4.44
CA GLY B 335 -5.19 -27.32 -4.57
C GLY B 335 -4.09 -28.33 -4.85
N ILE B 336 -2.87 -27.82 -5.01
CA ILE B 336 -1.70 -28.67 -5.24
C ILE B 336 -0.90 -28.83 -3.95
N ARG B 337 -0.41 -30.04 -3.70
CA ARG B 337 0.45 -30.27 -2.54
C ARG B 337 1.88 -29.88 -2.88
N GLN B 338 2.39 -28.88 -2.18
CA GLN B 338 3.69 -28.30 -2.51
C GLN B 338 4.69 -28.43 -1.37
N GLY B 339 5.96 -28.20 -1.69
CA GLY B 339 7.03 -28.21 -0.72
C GLY B 339 8.24 -27.45 -1.22
N TYR B 340 8.88 -26.72 -0.32
CA TYR B 340 10.12 -26.03 -0.66
C TYR B 340 11.31 -26.65 0.05
N GLY B 341 12.34 -26.95 -0.72
CA GLY B 341 13.60 -27.41 -0.16
C GLY B 341 14.71 -27.39 -1.18
N LEU B 342 15.90 -27.79 -0.78
CA LEU B 342 17.03 -27.91 -1.68
C LEU B 342 17.60 -29.31 -1.58
N THR B 343 18.40 -29.70 -2.56
CA THR B 343 19.13 -30.96 -2.50
C THR B 343 19.94 -30.97 -1.20
N GLU B 344 20.49 -29.80 -0.87
CA GLU B 344 21.32 -29.63 0.32
C GLU B 344 20.55 -29.74 1.63
N THR B 345 19.22 -29.81 1.56
CA THR B 345 18.41 -29.99 2.76
C THR B 345 17.66 -31.33 2.73
N THR B 346 18.21 -32.27 1.96
CA THR B 346 17.67 -33.63 1.83
C THR B 346 16.31 -33.66 1.13
N SER B 347 15.34 -32.96 1.70
CA SER B 347 13.98 -32.96 1.17
C SER B 347 13.32 -31.61 1.41
N ALA B 348 11.99 -31.59 1.34
CA ALA B 348 11.25 -30.34 1.56
C ALA B 348 11.26 -29.96 3.04
N CYS B 349 11.59 -28.70 3.32
CA CYS B 349 11.64 -28.19 4.68
C CYS B 349 10.40 -27.36 4.98
N ILE B 350 9.66 -27.04 3.92
CA ILE B 350 8.38 -26.35 4.04
C ILE B 350 7.38 -27.12 3.18
N ILE B 351 6.25 -27.51 3.76
CA ILE B 351 5.31 -28.37 3.07
C ILE B 351 3.86 -27.97 3.29
N THR B 352 3.07 -28.05 2.23
CA THR B 352 1.63 -27.83 2.34
C THR B 352 1.01 -28.79 3.35
N PRO B 353 0.51 -28.25 4.47
CA PRO B 353 -0.15 -29.11 5.46
C PRO B 353 -1.44 -29.70 4.89
N GLU B 354 -1.64 -31.00 5.09
CA GLU B 354 -2.83 -31.68 4.61
C GLU B 354 -4.10 -31.02 5.15
N GLY B 355 -4.97 -30.60 4.25
CA GLY B 355 -6.23 -29.99 4.62
C GLY B 355 -6.15 -28.51 4.98
N ASP B 356 -4.95 -27.95 4.85
CA ASP B 356 -4.75 -26.52 5.11
C ASP B 356 -4.01 -25.89 3.94
N ASN B 357 -4.58 -26.06 2.75
CA ASN B 357 -3.95 -25.62 1.51
C ASN B 357 -4.27 -24.19 1.13
N LYS B 358 -3.24 -23.35 1.07
CA LYS B 358 -3.37 -22.00 0.53
C LYS B 358 -2.71 -21.92 -0.84
N PRO B 359 -3.44 -21.45 -1.85
CA PRO B 359 -2.92 -21.33 -3.22
C PRO B 359 -1.75 -20.36 -3.31
N GLY B 360 -0.66 -20.81 -3.94
CA GLY B 360 0.53 -19.97 -4.07
C GLY B 360 1.52 -20.19 -2.95
N ALA B 361 1.03 -20.74 -1.83
CA ALA B 361 1.88 -21.00 -0.68
C ALA B 361 2.61 -22.33 -0.83
N CYS B 362 3.86 -22.38 -0.39
CA CYS B 362 4.61 -23.64 -0.42
C CYS B 362 4.42 -24.41 0.87
N GLY B 363 3.67 -23.84 1.81
CA GLY B 363 3.26 -24.55 3.00
C GLY B 363 3.78 -23.99 4.31
N LYS B 364 3.99 -24.88 5.27
CA LYS B 364 4.45 -24.49 6.59
C LYS B 364 5.73 -25.23 6.95
N VAL B 365 6.51 -24.67 7.87
CA VAL B 365 7.76 -25.27 8.30
C VAL B 365 7.52 -26.65 8.89
N VAL B 366 8.29 -27.64 8.44
CA VAL B 366 8.12 -29.01 8.89
C VAL B 366 8.71 -29.19 10.29
N PRO B 367 8.30 -30.27 10.99
CA PRO B 367 8.85 -30.59 12.31
C PRO B 367 10.37 -30.62 12.34
N PHE B 368 10.94 -30.15 13.44
CA PHE B 368 12.39 -30.11 13.67
C PHE B 368 13.10 -28.97 12.97
N PHE B 369 12.40 -28.28 12.07
CA PHE B 369 13.03 -27.20 11.30
C PHE B 369 12.64 -25.81 11.77
N SER B 370 13.45 -24.84 11.38
CA SER B 370 13.19 -23.43 11.63
C SER B 370 13.35 -22.66 10.33
N ALA B 371 12.63 -21.57 10.19
CA ALA B 371 12.76 -20.71 9.01
C ALA B 371 12.72 -19.25 9.42
N LYS B 372 13.43 -18.42 8.66
CA LYS B 372 13.39 -16.98 8.90
C LYS B 372 13.54 -16.21 7.59
N VAL B 373 12.99 -15.00 7.57
CA VAL B 373 13.12 -14.11 6.44
C VAL B 373 13.84 -12.84 6.87
N THR B 374 14.91 -12.49 6.17
CA THR B 374 15.71 -11.34 6.55
C THR B 374 15.68 -10.22 5.52
N ASP B 375 15.72 -8.98 6.00
CA ASP B 375 15.78 -7.81 5.15
C ASP B 375 17.03 -7.86 4.28
N LEU B 376 16.84 -7.66 2.97
CA LEU B 376 17.95 -7.75 2.02
C LEU B 376 19.03 -6.70 2.29
N ASP B 377 18.70 -5.69 3.07
CA ASP B 377 19.66 -4.63 3.39
C ASP B 377 20.21 -4.75 4.81
N THR B 378 19.32 -4.72 5.80
CA THR B 378 19.73 -4.65 7.19
C THR B 378 20.12 -6.02 7.74
N GLY B 379 19.65 -7.06 7.06
CA GLY B 379 19.88 -8.43 7.48
C GLY B 379 18.99 -8.82 8.65
N LYS B 380 18.15 -7.89 9.09
CA LYS B 380 17.24 -8.13 10.20
C LYS B 380 16.14 -9.12 9.85
N THR B 381 15.75 -9.91 10.85
CA THR B 381 14.66 -10.86 10.70
C THR B 381 13.34 -10.11 10.60
N LEU B 382 12.47 -10.55 9.69
CA LEU B 382 11.24 -9.81 9.40
C LEU B 382 10.01 -10.50 9.94
N GLY B 383 8.97 -9.72 10.21
CA GLY B 383 7.69 -10.25 10.64
C GLY B 383 6.84 -10.70 9.47
N PRO B 384 5.55 -10.93 9.71
CA PRO B 384 4.62 -11.43 8.69
C PRO B 384 4.45 -10.46 7.53
N ASN B 385 4.20 -11.02 6.34
CA ASN B 385 3.91 -10.24 5.15
C ASN B 385 4.98 -9.21 4.77
N GLN B 386 6.23 -9.52 5.10
CA GLN B 386 7.35 -8.71 4.65
C GLN B 386 8.33 -9.56 3.86
N ARG B 387 8.54 -9.21 2.59
CA ARG B 387 9.41 -9.98 1.72
C ARG B 387 10.88 -9.80 2.04
N GLY B 388 11.63 -10.90 1.99
CA GLY B 388 13.06 -10.87 2.23
C GLY B 388 13.72 -12.19 1.87
N GLU B 389 14.95 -12.36 2.34
CA GLU B 389 15.76 -13.53 2.04
C GLU B 389 15.37 -14.69 2.96
N LEU B 390 15.14 -15.87 2.36
CA LEU B 390 14.72 -17.04 3.14
C LEU B 390 15.89 -17.88 3.63
N TRP B 391 15.85 -18.25 4.91
CA TRP B 391 16.85 -19.12 5.50
C TRP B 391 16.19 -20.36 6.10
N LEU B 392 16.91 -21.48 6.10
CA LEU B 392 16.40 -22.73 6.65
C LEU B 392 17.41 -23.36 7.59
N LYS B 393 16.92 -24.00 8.65
CA LYS B 393 17.79 -24.62 9.65
C LYS B 393 17.13 -25.83 10.28
N GLY B 394 17.84 -26.96 10.28
CA GLY B 394 17.33 -28.19 10.87
C GLY B 394 18.18 -29.41 10.55
N PRO B 395 17.81 -30.57 11.12
CA PRO B 395 18.63 -31.79 11.05
C PRO B 395 18.61 -32.53 9.72
N MET B 396 17.93 -31.99 8.70
CA MET B 396 18.04 -32.56 7.36
C MET B 396 19.09 -31.82 6.52
N VAL B 397 19.64 -30.76 7.09
CA VAL B 397 20.71 -30.02 6.41
C VAL B 397 21.95 -30.89 6.23
N MET B 398 22.49 -30.90 5.02
CA MET B 398 23.63 -31.74 4.67
C MET B 398 24.82 -31.52 5.60
N LYS B 399 25.66 -32.55 5.71
CA LYS B 399 26.92 -32.42 6.44
C LYS B 399 27.82 -31.40 5.76
N GLY B 400 27.73 -31.34 4.43
CA GLY B 400 28.50 -30.40 3.64
C GLY B 400 28.72 -30.89 2.21
N TYR B 401 29.27 -30.02 1.37
CA TYR B 401 29.69 -30.44 0.04
C TYR B 401 30.94 -31.29 0.14
N VAL B 402 30.97 -32.40 -0.60
CA VAL B 402 32.10 -33.31 -0.56
C VAL B 402 33.41 -32.63 -0.95
N ASN B 403 34.35 -32.57 -0.02
CA ASN B 403 35.67 -31.99 -0.26
C ASN B 403 35.63 -30.56 -0.78
N ASN B 404 34.63 -29.79 -0.34
CA ASN B 404 34.51 -28.40 -0.75
C ASN B 404 34.02 -27.53 0.41
N PRO B 405 34.89 -27.31 1.41
CA PRO B 405 34.57 -26.53 2.61
C PRO B 405 34.14 -25.09 2.29
N GLU B 406 34.80 -24.46 1.32
CA GLU B 406 34.50 -23.07 0.97
C GLU B 406 33.07 -22.91 0.47
N ALA B 407 32.66 -23.81 -0.42
CA ALA B 407 31.31 -23.78 -0.95
C ALA B 407 30.31 -24.07 0.16
N THR B 408 30.70 -24.94 1.09
CA THR B 408 29.86 -25.29 2.22
C THR B 408 29.62 -24.07 3.11
N HIS B 409 30.69 -23.37 3.44
CA HIS B 409 30.63 -22.22 4.34
C HIS B 409 29.98 -21.00 3.68
N SER B 410 29.94 -21.00 2.35
CA SER B 410 29.26 -19.92 1.62
C SER B 410 27.75 -20.11 1.66
N LEU B 411 27.32 -21.36 1.81
CA LEU B 411 25.89 -21.68 1.80
C LEU B 411 25.31 -21.73 3.20
N ILE B 412 26.11 -22.24 4.14
CA ILE B 412 25.65 -22.49 5.50
C ILE B 412 26.51 -21.69 6.49
N ASP B 413 25.88 -20.80 7.24
CA ASP B 413 26.66 -19.94 8.14
C ASP B 413 27.06 -20.71 9.40
N LYS B 414 27.78 -20.03 10.29
CA LYS B 414 28.38 -20.69 11.44
C LYS B 414 27.32 -21.16 12.45
N GLU B 415 26.08 -20.71 12.29
CA GLU B 415 25.00 -21.12 13.18
C GLU B 415 24.10 -22.18 12.52
N GLY B 416 24.48 -22.63 11.34
CA GLY B 416 23.78 -23.71 10.69
C GLY B 416 22.61 -23.27 9.81
N TRP B 417 22.50 -21.96 9.58
CA TRP B 417 21.47 -21.45 8.69
C TRP B 417 21.86 -21.60 7.23
N VAL B 418 20.98 -22.19 6.44
CA VAL B 418 21.20 -22.30 5.00
C VAL B 418 20.63 -21.07 4.29
N ARG B 419 21.47 -20.41 3.51
CA ARG B 419 21.05 -19.25 2.73
C ARG B 419 20.45 -19.71 1.39
N THR B 420 19.12 -19.82 1.34
CA THR B 420 18.46 -20.41 0.17
C THR B 420 18.65 -19.57 -1.08
N GLY B 421 18.81 -18.27 -0.89
CA GLY B 421 18.94 -17.35 -2.00
C GLY B 421 17.60 -17.00 -2.64
N ASP B 422 16.52 -17.57 -2.13
CA ASP B 422 15.19 -17.24 -2.62
C ASP B 422 14.54 -16.14 -1.77
N ILE B 423 13.62 -15.40 -2.39
CA ILE B 423 12.86 -14.38 -1.68
C ILE B 423 11.52 -14.93 -1.24
N ALA B 424 11.09 -14.59 -0.04
CA ALA B 424 9.84 -15.11 0.49
C ALA B 424 9.22 -14.22 1.56
N TYR B 425 8.00 -14.56 1.95
CA TYR B 425 7.36 -13.99 3.11
C TYR B 425 6.39 -15.01 3.69
N TYR B 426 6.04 -14.86 4.96
CA TYR B 426 5.03 -15.71 5.57
C TYR B 426 3.88 -14.84 6.07
N ASP B 427 2.68 -15.39 6.08
CA ASP B 427 1.52 -14.63 6.54
C ASP B 427 1.31 -14.83 8.04
N GLU B 428 0.22 -14.27 8.56
CA GLU B 428 -0.05 -14.33 9.99
C GLU B 428 -0.36 -15.76 10.46
N ASP B 429 -0.66 -16.65 9.52
CA ASP B 429 -0.88 -18.05 9.84
C ASP B 429 0.40 -18.86 9.64
N GLU B 430 1.47 -18.15 9.35
CA GLU B 430 2.79 -18.75 9.15
C GLU B 430 2.84 -19.71 7.96
N HIS B 431 2.05 -19.41 6.93
CA HIS B 431 2.22 -20.04 5.62
C HIS B 431 3.26 -19.27 4.82
N PHE B 432 4.17 -19.98 4.18
CA PHE B 432 5.25 -19.34 3.43
C PHE B 432 4.95 -19.25 1.93
N PHE B 433 5.37 -18.13 1.35
CA PHE B 433 5.21 -17.90 -0.09
C PHE B 433 6.55 -17.57 -0.74
N ILE B 434 6.93 -18.33 -1.76
CA ILE B 434 8.13 -18.00 -2.52
C ILE B 434 7.76 -17.02 -3.63
N VAL B 435 8.41 -15.87 -3.62
CA VAL B 435 8.17 -14.80 -4.59
C VAL B 435 9.39 -14.60 -5.49
N ASP B 436 9.15 -14.28 -6.75
CA ASP B 436 10.25 -14.13 -7.71
C ASP B 436 10.95 -12.79 -7.58
N ARG B 437 10.22 -11.78 -7.11
CA ARG B 437 10.79 -10.44 -6.95
C ARG B 437 10.45 -9.86 -5.59
N LEU B 438 11.31 -8.98 -5.09
CA LEU B 438 11.06 -8.29 -3.84
C LEU B 438 9.87 -7.35 -4.01
N LYS B 439 9.79 -6.73 -5.18
CA LYS B 439 8.61 -5.97 -5.58
C LYS B 439 8.01 -6.60 -6.83
N SER B 440 6.82 -7.16 -6.70
CA SER B 440 6.12 -7.80 -7.82
C SER B 440 5.41 -6.81 -8.73
N LEU B 441 5.27 -5.56 -8.28
CA LEU B 441 4.61 -4.55 -9.10
C LEU B 441 5.31 -3.21 -9.01
N ILE B 442 5.45 -2.57 -10.17
CA ILE B 442 5.97 -1.21 -10.22
C ILE B 442 4.78 -0.26 -10.24
N LYS B 443 4.75 0.67 -9.28
CA LYS B 443 3.62 1.59 -9.21
C LYS B 443 4.03 2.92 -9.80
N TYR B 444 3.41 3.26 -10.92
CA TYR B 444 3.63 4.55 -11.55
C TYR B 444 2.37 5.39 -11.33
N LYS B 445 2.38 6.13 -10.22
CA LYS B 445 1.33 7.08 -9.87
C LYS B 445 -0.06 6.47 -10.05
N GLY B 446 -0.28 5.46 -9.20
CA GLY B 446 -1.54 4.71 -9.08
C GLY B 446 -1.65 3.52 -10.02
N TYR B 447 -1.02 3.57 -11.19
CA TYR B 447 -1.21 2.45 -12.12
C TYR B 447 -0.35 1.27 -11.68
N GLN B 448 -0.83 0.06 -11.85
CA GLN B 448 -0.04 -1.14 -11.49
C GLN B 448 0.59 -1.71 -12.75
N VAL B 449 1.88 -1.98 -12.67
CA VAL B 449 2.76 -2.31 -13.78
C VAL B 449 3.62 -3.55 -13.53
N PRO B 450 3.11 -4.73 -13.90
CA PRO B 450 3.91 -5.95 -13.70
C PRO B 450 5.15 -5.96 -14.59
N PRO B 451 6.33 -6.13 -13.98
CA PRO B 451 7.61 -6.11 -14.69
C PRO B 451 7.74 -7.22 -15.74
N ALA B 452 7.12 -8.37 -15.50
CA ALA B 452 7.25 -9.49 -16.41
C ALA B 452 6.52 -9.21 -17.72
N GLU B 453 5.52 -8.32 -17.66
CA GLU B 453 4.76 -7.96 -18.85
C GLU B 453 5.63 -7.14 -19.79
N LEU B 454 6.32 -6.15 -19.24
CA LEU B 454 7.26 -5.32 -19.99
C LEU B 454 8.44 -6.12 -20.51
N GLU B 455 8.95 -7.02 -19.68
CA GLU B 455 10.07 -7.87 -20.06
C GLU B 455 9.70 -8.73 -21.28
N SER B 456 8.46 -9.20 -21.30
CA SER B 456 7.97 -10.01 -22.41
C SER B 456 7.88 -9.19 -23.70
N ILE B 457 7.45 -7.94 -23.58
CA ILE B 457 7.37 -7.03 -24.76
C ILE B 457 8.78 -6.77 -25.29
N LEU B 458 9.75 -6.55 -24.40
CA LEU B 458 11.12 -6.27 -24.83
C LEU B 458 11.73 -7.46 -25.58
N LEU B 459 11.44 -8.67 -25.10
CA LEU B 459 11.96 -9.88 -25.71
C LEU B 459 11.37 -10.07 -27.11
N GLN B 460 10.18 -9.55 -27.31
CA GLN B 460 9.48 -9.68 -28.58
C GLN B 460 10.25 -8.98 -29.70
N HIS B 461 11.08 -8.01 -29.33
CA HIS B 461 11.90 -7.27 -30.30
C HIS B 461 13.03 -8.14 -30.84
N PRO B 462 13.21 -8.14 -32.17
CA PRO B 462 14.22 -8.94 -32.87
C PRO B 462 15.64 -8.70 -32.36
N TYR B 463 15.95 -7.45 -32.02
CA TYR B 463 17.30 -7.05 -31.62
C TYR B 463 17.58 -7.29 -30.15
N ILE B 464 16.57 -7.68 -29.39
CA ILE B 464 16.74 -7.87 -27.95
C ILE B 464 16.82 -9.35 -27.59
N PHE B 465 17.93 -9.73 -26.97
CA PHE B 465 18.17 -11.12 -26.59
C PHE B 465 17.60 -11.39 -25.20
N ASP B 466 17.89 -10.50 -24.26
CA ASP B 466 17.38 -10.61 -22.89
C ASP B 466 17.02 -9.24 -22.34
N ALA B 467 16.27 -9.22 -21.24
CA ALA B 467 15.86 -7.95 -20.64
C ALA B 467 15.36 -8.13 -19.21
N GLY B 468 15.63 -7.12 -18.36
CA GLY B 468 15.12 -7.11 -17.00
C GLY B 468 14.52 -5.76 -16.67
N VAL B 469 13.34 -5.77 -16.06
CA VAL B 469 12.63 -4.53 -15.73
C VAL B 469 12.41 -4.35 -14.23
N ALA B 470 12.73 -3.17 -13.73
CA ALA B 470 12.48 -2.85 -12.32
C ALA B 470 11.99 -1.41 -12.18
N GLY B 471 11.51 -1.07 -10.98
CA GLY B 471 11.03 0.26 -10.72
C GLY B 471 12.09 1.17 -10.13
N ILE B 472 12.19 2.38 -10.66
CA ILE B 472 13.15 3.37 -10.17
C ILE B 472 12.38 4.45 -9.42
N PRO B 473 12.76 4.69 -8.15
CA PRO B 473 12.01 5.65 -7.33
C PRO B 473 12.05 7.07 -7.85
N ASP B 474 10.97 7.80 -7.61
CA ASP B 474 10.84 9.19 -8.04
C ASP B 474 9.86 9.88 -7.08
N PRO B 475 9.94 11.22 -6.94
CA PRO B 475 8.96 11.88 -6.08
C PRO B 475 7.70 12.38 -6.81
N ASP B 476 7.79 12.54 -8.12
CA ASP B 476 6.66 12.96 -8.93
C ASP B 476 5.71 11.80 -9.09
N ALA B 477 6.18 10.78 -9.79
CA ALA B 477 5.55 9.47 -9.77
C ALA B 477 6.30 8.66 -8.74
N GLY B 478 5.61 7.75 -8.05
CA GLY B 478 6.27 6.90 -7.07
C GLY B 478 7.39 6.05 -7.63
N GLU B 479 7.16 5.45 -8.80
CA GLU B 479 8.13 4.55 -9.40
C GLU B 479 8.07 4.60 -10.92
N LEU B 480 9.20 4.93 -11.54
CA LEU B 480 9.28 4.92 -12.99
C LEU B 480 9.77 3.56 -13.47
N PRO B 481 9.04 2.94 -14.40
CA PRO B 481 9.50 1.68 -14.99
C PRO B 481 10.76 1.86 -15.81
N ALA B 482 11.77 1.02 -15.56
CA ALA B 482 13.03 1.09 -16.28
C ALA B 482 13.54 -0.32 -16.58
N ALA B 483 14.46 -0.43 -17.53
CA ALA B 483 14.94 -1.74 -17.93
C ALA B 483 16.42 -1.76 -18.28
N VAL B 484 17.07 -2.88 -17.97
CA VAL B 484 18.38 -3.20 -18.51
C VAL B 484 18.15 -4.15 -19.68
N VAL B 485 18.91 -3.95 -20.77
CA VAL B 485 18.65 -4.71 -21.98
C VAL B 485 19.88 -5.41 -22.54
N VAL B 486 19.70 -6.67 -22.91
CA VAL B 486 20.73 -7.46 -23.56
C VAL B 486 20.51 -7.49 -25.07
N LEU B 487 21.36 -6.79 -25.81
CA LEU B 487 21.24 -6.74 -27.26
C LEU B 487 21.64 -8.06 -27.91
N GLU B 488 21.22 -8.24 -29.16
CA GLU B 488 21.56 -9.42 -29.92
C GLU B 488 23.01 -9.34 -30.40
N GLU B 489 23.48 -10.37 -31.08
CA GLU B 489 24.86 -10.45 -31.50
C GLU B 489 25.27 -9.28 -32.40
N GLY B 490 26.05 -8.35 -31.84
CA GLY B 490 26.57 -7.23 -32.58
C GLY B 490 25.50 -6.33 -33.17
N LYS B 491 24.49 -5.99 -32.37
CA LYS B 491 23.43 -5.11 -32.82
C LYS B 491 23.29 -3.87 -31.94
N THR B 492 22.79 -2.80 -32.53
CA THR B 492 22.69 -1.52 -31.85
C THR B 492 21.29 -0.96 -31.82
N MET B 493 20.87 -0.54 -30.63
CA MET B 493 19.64 0.22 -30.45
C MET B 493 19.96 1.40 -29.55
N THR B 494 19.21 2.48 -29.71
CA THR B 494 19.32 3.59 -28.78
C THR B 494 18.28 3.41 -27.70
N GLU B 495 18.48 4.09 -26.57
CA GLU B 495 17.50 4.05 -25.49
C GLU B 495 16.12 4.47 -25.97
N LYS B 496 16.08 5.53 -26.79
CA LYS B 496 14.82 6.03 -27.34
C LYS B 496 14.13 4.97 -28.18
N GLU B 497 14.89 4.29 -29.02
CA GLU B 497 14.38 3.24 -29.89
C GLU B 497 13.69 2.16 -29.08
N VAL B 498 14.31 1.74 -27.98
CA VAL B 498 13.71 0.75 -27.08
C VAL B 498 12.47 1.33 -26.41
N MET B 499 12.59 2.56 -25.94
CA MET B 499 11.49 3.23 -25.24
C MET B 499 10.32 3.47 -26.20
N ASP B 500 10.62 3.95 -27.39
CA ASP B 500 9.59 4.19 -28.40
C ASP B 500 8.93 2.89 -28.83
N TYR B 501 9.72 1.82 -28.91
CA TYR B 501 9.18 0.52 -29.29
C TYR B 501 8.15 0.05 -28.27
N VAL B 502 8.47 0.24 -26.99
CA VAL B 502 7.57 -0.19 -25.93
C VAL B 502 6.36 0.74 -25.84
N ALA B 503 6.59 2.03 -26.08
CA ALA B 503 5.53 3.02 -26.02
C ALA B 503 4.34 2.70 -26.93
N GLY B 504 4.64 2.22 -28.14
CA GLY B 504 3.59 1.84 -29.08
C GLY B 504 3.20 0.38 -28.95
N GLN B 505 3.38 -0.17 -27.76
CA GLN B 505 3.08 -1.57 -27.49
C GLN B 505 2.25 -1.72 -26.22
N VAL B 506 2.24 -0.66 -25.41
CA VAL B 506 1.59 -0.67 -24.11
C VAL B 506 0.91 0.66 -23.84
N THR B 507 0.17 0.74 -22.74
CA THR B 507 -0.59 1.95 -22.43
C THR B 507 0.37 3.01 -21.94
N SER B 508 -0.10 4.25 -21.85
CA SER B 508 0.68 5.36 -21.35
C SER B 508 1.42 5.08 -20.04
N SER B 509 0.74 4.48 -19.07
CA SER B 509 1.37 4.28 -17.73
C SER B 509 2.42 3.16 -17.71
N LYS B 510 2.44 2.28 -18.70
CA LYS B 510 3.41 1.15 -18.69
C LYS B 510 4.72 1.52 -19.40
N ARG B 511 4.82 2.73 -19.95
CA ARG B 511 6.03 3.19 -20.69
C ARG B 511 7.27 3.13 -19.80
N LEU B 512 8.44 2.87 -20.39
CA LEU B 512 9.72 2.81 -19.65
C LEU B 512 10.25 4.23 -19.41
N ARG B 513 9.50 5.04 -18.69
CA ARG B 513 9.89 6.42 -18.40
C ARG B 513 11.17 6.50 -17.57
N GLY B 514 11.47 5.41 -16.87
CA GLY B 514 12.68 5.35 -16.06
C GLY B 514 13.93 5.20 -16.91
N GLY B 515 13.75 4.92 -18.18
CA GLY B 515 14.86 4.82 -19.12
C GLY B 515 15.34 3.41 -19.36
N VAL B 516 16.37 3.28 -20.19
CA VAL B 516 16.94 1.98 -20.52
C VAL B 516 18.47 2.01 -20.43
N LYS B 517 19.05 0.92 -19.95
CA LYS B 517 20.51 0.78 -19.90
C LYS B 517 20.94 -0.56 -20.47
N PHE B 518 21.81 -0.53 -21.47
CA PHE B 518 22.25 -1.75 -22.13
C PHE B 518 23.39 -2.40 -21.35
N VAL B 519 23.28 -3.71 -21.16
CA VAL B 519 24.24 -4.45 -20.35
C VAL B 519 24.58 -5.77 -21.02
N ASP B 520 25.64 -6.43 -20.57
CA ASP B 520 26.06 -7.69 -21.17
C ASP B 520 25.20 -8.87 -20.73
N GLU B 521 24.63 -8.77 -19.54
CA GLU B 521 23.72 -9.80 -19.05
C GLU B 521 22.78 -9.25 -17.98
N VAL B 522 21.53 -9.68 -18.02
CA VAL B 522 20.55 -9.25 -17.04
C VAL B 522 20.87 -9.81 -15.66
N PRO B 523 21.01 -8.92 -14.67
CA PRO B 523 21.36 -9.33 -13.30
C PRO B 523 20.41 -10.39 -12.77
N LYS B 524 20.96 -11.46 -12.23
CA LYS B 524 20.17 -12.57 -11.70
C LYS B 524 20.70 -12.95 -10.33
N GLY B 525 19.81 -13.35 -9.43
CA GLY B 525 20.23 -13.77 -8.11
C GLY B 525 20.61 -15.23 -7.97
N LEU B 526 20.82 -15.64 -6.73
CA LEU B 526 21.40 -16.95 -6.43
C LEU B 526 20.61 -18.13 -6.99
N THR B 527 19.28 -18.02 -7.00
CA THR B 527 18.45 -19.10 -7.51
C THR B 527 18.15 -18.90 -8.99
N GLY B 528 18.87 -17.95 -9.61
CA GLY B 528 18.74 -17.69 -11.02
C GLY B 528 17.48 -16.97 -11.47
N LYS B 529 16.92 -16.11 -10.62
CA LYS B 529 15.77 -15.32 -11.02
C LYS B 529 16.26 -13.91 -11.35
N ILE B 530 15.35 -12.99 -11.62
CA ILE B 530 15.77 -11.66 -12.03
C ILE B 530 16.08 -10.86 -10.76
N ASP B 531 17.21 -10.16 -10.77
CA ASP B 531 17.64 -9.33 -9.61
C ASP B 531 17.19 -7.88 -9.84
N GLY B 532 15.93 -7.56 -9.55
CA GLY B 532 15.38 -6.22 -9.73
C GLY B 532 16.08 -5.19 -8.85
N ARG B 533 16.55 -5.60 -7.66
CA ARG B 533 17.22 -4.69 -6.70
C ARG B 533 18.53 -4.19 -7.29
N LYS B 534 19.22 -5.08 -8.00
CA LYS B 534 20.51 -4.70 -8.64
C LYS B 534 20.27 -3.98 -9.97
N ILE B 535 19.13 -4.27 -10.62
CA ILE B 535 18.77 -3.55 -11.87
C ILE B 535 18.59 -2.08 -11.50
N ARG B 536 17.88 -1.83 -10.38
CA ARG B 536 17.60 -0.49 -9.83
C ARG B 536 18.92 0.20 -9.51
N GLU B 537 19.90 -0.52 -8.98
CA GLU B 537 21.18 0.13 -8.66
C GLU B 537 21.81 0.63 -9.96
N ILE B 538 21.84 -0.23 -10.99
CA ILE B 538 22.48 0.12 -12.25
C ILE B 538 22.02 1.47 -12.76
N LEU B 539 20.77 1.82 -12.50
CA LEU B 539 20.24 3.11 -12.92
C LEU B 539 20.83 4.23 -12.06
N LEU B 540 22.06 4.59 -12.39
CA LEU B 540 22.84 5.66 -11.75
C LEU B 540 22.11 6.51 -10.73
C1 GOL C . -19.07 23.24 6.93
O1 GOL C . -18.59 24.39 6.29
C2 GOL C . -20.43 23.59 7.43
O2 GOL C . -21.19 24.04 6.35
C3 GOL C . -21.11 22.40 8.00
O3 GOL C . -21.99 22.92 8.96
H11 GOL C . -19.13 22.40 6.23
H12 GOL C . -18.42 22.96 7.76
HO1 GOL C . -17.62 24.42 6.37
H2 GOL C . -20.35 24.37 8.19
HO2 GOL C . -21.00 23.51 5.57
H31 GOL C . -21.66 21.86 7.22
H32 GOL C . -20.39 21.72 8.46
HO3 GOL C . -22.77 23.26 8.52
C1 GOL D . 6.94 -33.54 -0.92
O1 GOL D . 7.66 -32.88 -1.96
C2 GOL D . 5.48 -33.15 -0.90
O2 GOL D . 5.09 -32.46 -2.08
C3 GOL D . 4.68 -34.42 -0.82
O3 GOL D . 3.86 -34.35 0.34
H11 GOL D . 7.02 -34.62 -1.06
H12 GOL D . 7.40 -33.31 0.05
HO1 GOL D . 8.48 -33.36 -2.14
H2 GOL D . 5.29 -32.53 -0.02
HO2 GOL D . 4.86 -33.10 -2.77
H31 GOL D . 4.05 -34.52 -1.70
H32 GOL D . 5.34 -35.28 -0.76
HO3 GOL D . 4.30 -33.81 1.01
#